data_3T5T
#
_entry.id   3T5T
#
_cell.length_a   80.671
_cell.length_b   46.693
_cell.length_c   123.879
_cell.angle_alpha   90.00
_cell.angle_beta   108.08
_cell.angle_gamma   90.00
#
_symmetry.space_group_name_H-M   'P 1 21 1'
#
loop_
_entity.id
_entity.type
_entity.pdbx_description
1 polymer 'Putative glycosyltransferase'
2 non-polymer 'MAGNESIUM ION'
3 non-polymer IMIDAZOLE
4 water water
#
_entity_poly.entity_id   1
_entity_poly.type   'polypeptide(L)'
_entity_poly.pdbx_seq_one_letter_code
;TGSEIFLASKRAAITYDTDPATGEPRAWLAPGGTGNVVAEQAGVLNISWIASADSEDDRRASALNPDGVTMELHSGREIL
VRLIRHDPAVFRNVQNFMTANLMWAANNYGWDRWTQPSFGSDAREGWADFGRFTRDFADAILKSSAQSADPVYLVHDYQL
VGVPALLREQRPDAPILLFVHIPWPSADYWRILPKEIRTGILHGMLPATTIGFFADRWCRNFLESVADLLPDARIDREAM
TVEWRGHRTRLRTMPLGYSPLTLDGRNPQLPEGIEEWADGHRLVVHSGRTDPIKNAERAVRAFVLAARGGGLEKTRMLVR
MNPNRLYVPANADYVHRVETAVAEANAELGSDTVRIDNDNDVNHTIACFRRADLLIFNSTVDGQNLSTFEAPLVNERDAD
VILSETCGAAEVLGEYCRSVNPFDLVEQAEAISAALAAGPRQRAEAAARRRDAARPWTLEAWVQAQLDGLAADHAARTAT
AERFDTAPAVSTRADL
;
_entity_poly.pdbx_strand_id   A,B
#
loop_
_chem_comp.id
_chem_comp.type
_chem_comp.name
_chem_comp.formula
IMD non-polymer IMIDAZOLE 'C3 H5 N2 1'
MG non-polymer 'MAGNESIUM ION' 'Mg 2'
#
# COMPACT_ATOMS: atom_id res chain seq x y z
N GLU A 4 -18.83 -15.64 33.58
CA GLU A 4 -17.41 -16.02 33.62
C GLU A 4 -16.74 -15.54 32.36
N ILE A 5 -15.71 -14.72 32.52
CA ILE A 5 -15.02 -14.14 31.39
C ILE A 5 -13.69 -14.84 31.18
N PHE A 6 -13.40 -15.13 29.92
CA PHE A 6 -12.19 -15.83 29.54
C PHE A 6 -11.39 -14.94 28.62
N LEU A 7 -10.11 -14.79 28.93
CA LEU A 7 -9.27 -13.82 28.24
C LEU A 7 -8.03 -14.52 27.72
N ALA A 8 -7.74 -14.30 26.43
CA ALA A 8 -6.60 -14.95 25.78
C ALA A 8 -5.84 -14.00 24.86
N SER A 9 -4.51 -14.14 24.86
CA SER A 9 -3.65 -13.50 23.86
C SER A 9 -2.37 -14.32 23.81
N LYS A 10 -1.63 -14.21 22.71
CA LYS A 10 -0.47 -15.07 22.52
C LYS A 10 0.73 -14.71 23.41
N ARG A 11 1.19 -13.46 23.30
CA ARG A 11 2.50 -13.06 23.79
C ARG A 11 2.55 -12.77 25.28
N ALA A 12 3.41 -13.51 25.98
CA ALA A 12 3.73 -13.24 27.38
C ALA A 12 5.23 -13.37 27.57
N ALA A 13 5.91 -12.24 27.78
CA ALA A 13 7.36 -12.24 27.99
C ALA A 13 7.67 -12.31 29.48
N ILE A 14 7.85 -13.53 29.95
CA ILE A 14 7.97 -13.80 31.39
C ILE A 14 9.42 -14.14 31.74
N THR A 15 9.89 -13.57 32.85
CA THR A 15 11.16 -13.93 33.42
C THR A 15 10.90 -14.74 34.69
N TYR A 16 11.65 -15.82 34.85
CA TYR A 16 11.55 -16.65 36.05
C TYR A 16 12.83 -16.50 36.85
N ASP A 17 12.69 -16.00 38.07
CA ASP A 17 13.84 -15.79 38.94
C ASP A 17 13.47 -16.07 40.38
N THR A 18 14.28 -15.60 41.32
CA THR A 18 13.99 -15.70 42.73
C THR A 18 13.43 -14.35 43.20
N ASP A 19 12.31 -14.40 43.92
CA ASP A 19 11.70 -13.19 44.47
C ASP A 19 12.64 -12.63 45.53
N PRO A 20 13.09 -11.38 45.36
CA PRO A 20 14.04 -10.83 46.33
C PRO A 20 13.48 -10.69 47.75
N ALA A 21 12.18 -10.55 47.88
CA ALA A 21 11.56 -10.30 49.18
C ALA A 21 11.26 -11.57 49.98
N THR A 22 10.96 -12.66 49.28
CA THR A 22 10.51 -13.89 49.93
C THR A 22 11.48 -15.05 49.76
N GLY A 23 12.33 -14.97 48.73
CA GLY A 23 13.28 -16.05 48.44
C GLY A 23 12.68 -17.20 47.63
N GLU A 24 11.38 -17.13 47.37
CA GLU A 24 10.65 -18.16 46.61
C GLU A 24 10.75 -17.91 45.10
N PRO A 25 10.49 -18.94 44.27
CA PRO A 25 10.52 -18.74 42.82
C PRO A 25 9.49 -17.69 42.41
N ARG A 26 9.86 -16.86 41.44
CA ARG A 26 9.02 -15.77 40.98
C ARG A 26 8.91 -15.76 39.47
N ALA A 27 7.73 -15.37 38.98
CA ALA A 27 7.52 -15.08 37.57
C ALA A 27 7.05 -13.63 37.44
N TRP A 28 7.70 -12.86 36.59
CA TRP A 28 7.28 -11.49 36.34
C TRP A 28 7.22 -11.15 34.84
N LEU A 29 6.28 -10.28 34.50
CA LEU A 29 6.02 -9.94 33.12
C LEU A 29 6.75 -8.68 32.69
N ALA A 30 7.36 -8.73 31.51
CA ALA A 30 8.00 -7.56 30.92
C ALA A 30 7.00 -6.42 30.80
N PRO A 31 7.45 -5.19 31.10
CA PRO A 31 6.57 -4.04 30.94
C PRO A 31 6.49 -3.67 29.47
N GLY A 32 5.42 -2.97 29.08
CA GLY A 32 5.26 -2.56 27.68
C GLY A 32 4.86 -3.71 26.76
N GLY A 33 4.40 -3.36 25.57
CA GLY A 33 3.89 -4.33 24.64
C GLY A 33 2.46 -4.74 24.97
N THR A 34 1.91 -5.57 24.12
CA THR A 34 0.53 -6.01 24.22
C THR A 34 0.29 -6.90 25.44
N GLY A 35 1.30 -7.71 25.77
CA GLY A 35 1.23 -8.62 26.92
C GLY A 35 0.91 -7.90 28.21
N ASN A 36 1.62 -6.80 28.48
CA ASN A 36 1.34 -5.99 29.68
C ASN A 36 -0.08 -5.42 29.70
N VAL A 37 -0.56 -4.98 28.54
CA VAL A 37 -1.92 -4.46 28.42
C VAL A 37 -2.97 -5.53 28.74
N VAL A 38 -2.82 -6.71 28.14
CA VAL A 38 -3.77 -7.81 28.37
C VAL A 38 -3.68 -8.30 29.82
N ALA A 39 -2.46 -8.37 30.35
CA ALA A 39 -2.25 -8.77 31.73
C ALA A 39 -2.93 -7.80 32.69
N GLU A 40 -2.81 -6.50 32.42
CA GLU A 40 -3.49 -5.51 33.25
C GLU A 40 -5.01 -5.66 33.18
N GLN A 41 -5.53 -5.95 31.99
CA GLN A 41 -6.95 -6.23 31.83
C GLN A 41 -7.42 -7.44 32.65
N ALA A 42 -6.61 -8.51 32.67
CA ALA A 42 -6.89 -9.66 33.52
C ALA A 42 -7.02 -9.27 34.99
N GLY A 43 -6.14 -8.36 35.42
CA GLY A 43 -6.16 -7.82 36.78
C GLY A 43 -7.43 -7.05 37.05
N VAL A 44 -7.78 -6.18 36.11
CA VAL A 44 -8.98 -5.34 36.20
C VAL A 44 -10.24 -6.21 36.35
N LEU A 45 -10.29 -7.31 35.62
CA LEU A 45 -11.46 -8.17 35.61
C LEU A 45 -11.40 -9.30 36.65
N ASN A 46 -10.28 -9.40 37.36
CA ASN A 46 -10.04 -10.48 38.33
C ASN A 46 -10.17 -11.88 37.72
N ILE A 47 -9.57 -12.07 36.54
CA ILE A 47 -9.62 -13.35 35.84
C ILE A 47 -8.21 -13.82 35.47
N SER A 48 -8.09 -15.08 35.08
CA SER A 48 -6.82 -15.61 34.60
C SER A 48 -6.60 -15.15 33.16
N TRP A 49 -5.36 -15.28 32.71
CA TRP A 49 -4.97 -14.92 31.36
C TRP A 49 -4.42 -16.15 30.69
N ILE A 50 -5.03 -16.55 29.58
CA ILE A 50 -4.55 -17.67 28.78
C ILE A 50 -3.56 -17.14 27.74
N ALA A 51 -2.34 -17.67 27.75
CA ALA A 51 -1.30 -17.20 26.82
C ALA A 51 -0.39 -18.35 26.36
N SER A 52 0.51 -18.09 25.42
CA SER A 52 1.39 -19.16 24.93
C SER A 52 2.63 -19.33 25.78
N ALA A 53 2.96 -20.57 26.13
CA ALA A 53 4.30 -20.89 26.60
C ALA A 53 5.26 -20.77 25.41
N ASP A 54 6.27 -19.89 25.50
CA ASP A 54 7.18 -19.65 24.37
C ASP A 54 8.62 -20.15 24.51
N SER A 55 8.94 -20.70 25.69
CA SER A 55 10.28 -21.24 25.98
C SER A 55 10.19 -22.46 26.91
N GLU A 56 11.28 -23.21 27.07
CA GLU A 56 11.25 -24.39 27.96
C GLU A 56 10.87 -24.00 29.38
N ASP A 57 11.42 -22.88 29.85
CA ASP A 57 11.09 -22.35 31.17
C ASP A 57 9.58 -22.13 31.35
N ASP A 58 8.94 -21.56 30.32
CA ASP A 58 7.48 -21.40 30.32
C ASP A 58 6.77 -22.74 30.37
N ARG A 59 7.23 -23.69 29.55
CA ARG A 59 6.66 -25.03 29.58
C ARG A 59 6.83 -25.73 30.92
N ARG A 60 8.02 -25.59 31.51
CA ARG A 60 8.30 -26.18 32.83
C ARG A 60 7.38 -25.56 33.87
N ALA A 61 7.31 -24.22 33.88
CA ALA A 61 6.50 -23.51 34.85
C ALA A 61 5.03 -23.87 34.71
N SER A 62 4.57 -23.97 33.45
CA SER A 62 3.19 -24.35 33.14
C SER A 62 2.89 -25.78 33.60
N ALA A 63 3.83 -26.69 33.31
CA ALA A 63 3.66 -28.09 33.70
C ALA A 63 3.68 -28.25 35.22
N LEU A 64 4.54 -27.48 35.89
CA LEU A 64 4.66 -27.56 37.36
C LEU A 64 3.54 -26.84 38.11
N ASN A 65 2.88 -25.90 37.43
CA ASN A 65 1.77 -25.14 38.00
C ASN A 65 0.54 -25.18 37.08
N PRO A 66 -0.19 -26.32 37.08
CA PRO A 66 -1.33 -26.49 36.16
C PRO A 66 -2.53 -25.58 36.46
N ASP A 67 -2.60 -25.06 37.68
CA ASP A 67 -3.66 -24.12 38.07
C ASP A 67 -3.40 -22.73 37.53
N GLY A 68 -2.16 -22.49 37.15
CA GLY A 68 -1.75 -21.20 36.63
C GLY A 68 -0.51 -20.73 37.35
N VAL A 69 0.27 -19.90 36.66
CA VAL A 69 1.46 -19.34 37.23
C VAL A 69 1.12 -17.96 37.80
N THR A 70 1.40 -17.78 39.08
CA THR A 70 1.26 -16.50 39.73
C THR A 70 2.33 -15.60 39.16
N MET A 71 1.89 -14.50 38.55
CA MET A 71 2.81 -13.65 37.84
C MET A 71 2.67 -12.22 38.31
N GLU A 72 3.81 -11.61 38.57
CA GLU A 72 3.88 -10.24 39.05
C GLU A 72 3.96 -9.29 37.87
N LEU A 73 3.14 -8.24 37.91
CA LEU A 73 3.17 -7.18 36.88
C LEU A 73 3.99 -5.99 37.36
N HIS A 74 4.50 -5.21 36.41
CA HIS A 74 5.32 -4.03 36.73
C HIS A 74 4.61 -3.03 37.66
N SER A 75 3.31 -2.85 37.45
CA SER A 75 2.50 -1.92 38.26
C SER A 75 2.41 -2.35 39.72
N GLY A 76 2.80 -3.61 39.98
CA GLY A 76 2.73 -4.17 41.33
C GLY A 76 1.78 -5.35 41.42
N ARG A 77 0.74 -5.34 40.60
CA ARG A 77 -0.35 -6.32 40.68
C ARG A 77 0.07 -7.77 40.42
N GLU A 78 -0.79 -8.69 40.83
CA GLU A 78 -0.57 -10.12 40.65
C GLU A 78 -1.78 -10.78 40.01
N ILE A 79 -1.51 -11.62 39.00
CA ILE A 79 -2.55 -12.37 38.30
C ILE A 79 -2.08 -13.82 38.05
N LEU A 80 -2.99 -14.67 37.61
CA LEU A 80 -2.65 -16.03 37.23
C LEU A 80 -2.59 -16.14 35.72
N VAL A 81 -1.50 -16.71 35.22
CA VAL A 81 -1.36 -16.94 33.79
C VAL A 81 -1.39 -18.44 33.50
N ARG A 82 -2.24 -18.82 32.55
CA ARG A 82 -2.39 -20.21 32.15
C ARG A 82 -1.71 -20.36 30.80
N LEU A 83 -0.53 -20.97 30.81
CA LEU A 83 0.33 -21.02 29.62
C LEU A 83 0.13 -22.31 28.82
N ILE A 84 -0.24 -22.15 27.55
CA ILE A 84 -0.45 -23.27 26.65
C ILE A 84 0.88 -23.85 26.18
N ARG A 85 1.03 -25.16 26.36
CA ARG A 85 2.23 -25.84 25.88
C ARG A 85 2.00 -26.34 24.47
N HIS A 86 2.37 -25.52 23.49
CA HIS A 86 2.23 -25.90 22.08
C HIS A 86 3.35 -26.85 21.72
N ASP A 87 3.17 -27.58 20.61
CA ASP A 87 4.31 -28.27 19.98
C ASP A 87 5.38 -27.24 19.62
N PRO A 88 6.63 -27.46 20.07
CA PRO A 88 7.67 -26.45 19.89
C PRO A 88 7.96 -26.10 18.41
N ALA A 89 7.87 -27.10 17.53
CA ALA A 89 8.15 -26.89 16.10
C ALA A 89 7.04 -26.06 15.46
N VAL A 90 5.80 -26.43 15.75
CA VAL A 90 4.65 -25.65 15.31
C VAL A 90 4.79 -24.22 15.80
N PHE A 91 5.07 -24.05 17.10
CA PHE A 91 5.13 -22.70 17.68
C PHE A 91 6.22 -21.83 17.04
N ARG A 92 7.42 -22.39 16.88
CA ARG A 92 8.53 -21.68 16.27
C ARG A 92 8.19 -21.14 14.88
N ASN A 93 7.55 -21.97 14.06
CA ASN A 93 7.15 -21.56 12.72
C ASN A 93 6.04 -20.53 12.74
N VAL A 94 5.09 -20.68 13.66
CA VAL A 94 4.01 -19.69 13.78
C VAL A 94 4.58 -18.34 14.20
N GLN A 95 5.47 -18.34 15.19
CA GLN A 95 6.10 -17.08 15.60
C GLN A 95 6.78 -16.43 14.40
N ASN A 96 7.38 -17.21 13.51
CA ASN A 96 7.90 -16.67 12.24
C ASN A 96 6.84 -16.02 11.33
N PHE A 97 5.71 -16.72 11.16
CA PHE A 97 4.49 -16.24 10.50
C PHE A 97 3.98 -14.92 11.09
N MET A 98 4.17 -14.72 12.39
CA MET A 98 3.67 -13.50 13.05
C MET A 98 4.63 -12.29 13.01
N THR A 99 5.91 -12.50 12.64
CA THR A 99 6.92 -11.40 12.58
C THR A 99 6.91 -10.66 11.24
N ALA A 100 7.89 -9.78 11.02
CA ALA A 100 7.98 -8.96 9.80
C ALA A 100 8.23 -9.77 8.51
N ASN A 101 8.58 -11.04 8.66
CA ASN A 101 8.14 -12.02 7.69
C ASN A 101 6.61 -12.07 7.86
N LEU A 102 5.86 -12.26 6.79
CA LEU A 102 4.43 -12.50 6.88
C LEU A 102 3.59 -11.44 7.63
N MET A 103 2.98 -11.80 8.76
CA MET A 103 1.81 -11.05 9.23
C MET A 103 2.10 -9.63 9.71
N TRP A 104 3.28 -9.42 10.29
CA TRP A 104 3.61 -8.06 10.73
C TRP A 104 3.71 -7.11 9.53
N ALA A 105 4.36 -7.56 8.45
CA ALA A 105 4.50 -6.74 7.27
C ALA A 105 3.16 -6.58 6.55
N ALA A 106 2.26 -7.55 6.71
CA ALA A 106 0.91 -7.51 6.08
C ALA A 106 0.01 -6.49 6.74
N ASN A 107 0.08 -6.37 8.06
CA ASN A 107 -0.79 -5.42 8.77
C ASN A 107 -0.13 -4.08 9.07
N ASN A 108 1.20 -4.02 8.95
CA ASN A 108 1.92 -2.79 9.26
C ASN A 108 2.65 -2.18 8.08
N TYR A 109 2.24 -2.58 6.88
CA TYR A 109 2.60 -1.86 5.66
C TYR A 109 4.12 -1.82 5.45
N GLY A 110 4.73 -2.99 5.33
CA GLY A 110 6.18 -3.09 5.09
C GLY A 110 6.64 -3.52 3.71
N TRP A 111 5.69 -3.77 2.80
CA TRP A 111 6.04 -4.32 1.49
C TRP A 111 5.99 -3.30 0.36
N ASP A 112 6.97 -3.36 -0.54
CA ASP A 112 6.96 -2.48 -1.71
C ASP A 112 6.20 -3.00 -2.94
N ARG A 113 5.71 -4.25 -2.87
CA ARG A 113 4.99 -4.94 -3.96
C ARG A 113 5.83 -5.22 -5.22
N TRP A 114 6.61 -4.23 -5.68
CA TRP A 114 7.45 -4.46 -6.85
C TRP A 114 8.48 -5.59 -6.68
N THR A 115 9.08 -5.66 -5.49
CA THR A 115 10.13 -6.65 -5.26
C THR A 115 9.83 -7.64 -4.13
N GLN A 116 9.01 -7.23 -3.16
CA GLN A 116 8.59 -8.10 -2.06
C GLN A 116 7.08 -7.90 -1.86
N PRO A 117 6.37 -8.93 -1.36
CA PRO A 117 6.80 -10.26 -1.00
C PRO A 117 6.68 -11.22 -2.19
N SER A 118 7.21 -12.42 -2.02
CA SER A 118 7.01 -13.50 -3.01
C SER A 118 6.75 -14.74 -2.21
N PHE A 119 5.50 -15.17 -2.17
CA PHE A 119 5.12 -16.30 -1.31
C PHE A 119 5.42 -17.64 -1.96
N GLY A 120 6.10 -18.50 -1.23
CA GLY A 120 6.43 -19.83 -1.71
C GLY A 120 5.78 -20.89 -0.87
N SER A 121 6.34 -22.10 -0.92
CA SER A 121 5.78 -23.20 -0.15
C SER A 121 5.86 -22.90 1.37
N ASP A 122 6.80 -22.05 1.77
CA ASP A 122 6.90 -21.67 3.20
C ASP A 122 5.60 -21.05 3.72
N ALA A 123 4.93 -20.28 2.88
CA ALA A 123 3.64 -19.69 3.28
C ALA A 123 2.54 -20.73 3.43
N ARG A 124 2.58 -21.78 2.61
CA ARG A 124 1.62 -22.89 2.68
C ARG A 124 1.82 -23.67 3.99
N GLU A 125 3.08 -23.95 4.31
CA GLU A 125 3.42 -24.66 5.55
C GLU A 125 3.12 -23.81 6.77
N GLY A 126 3.38 -22.50 6.64
CA GLY A 126 3.08 -21.53 7.70
C GLY A 126 1.60 -21.47 8.03
N TRP A 127 0.77 -21.48 6.99
CA TRP A 127 -0.68 -21.45 7.18
C TRP A 127 -1.15 -22.74 7.87
N ALA A 128 -0.62 -23.88 7.45
CA ALA A 128 -0.95 -25.16 8.09
C ALA A 128 -0.63 -25.14 9.58
N ASP A 129 0.56 -24.66 9.93
CA ASP A 129 1.00 -24.56 11.32
C ASP A 129 0.15 -23.56 12.11
N PHE A 130 -0.18 -22.43 11.47
CA PHE A 130 -1.10 -21.47 12.06
C PHE A 130 -2.45 -22.10 12.46
N GLY A 131 -2.98 -23.00 11.62
CA GLY A 131 -4.22 -23.71 11.92
C GLY A 131 -4.09 -24.58 13.16
N ARG A 132 -2.93 -25.22 13.29
CA ARG A 132 -2.69 -26.09 14.44
C ARG A 132 -2.59 -25.25 15.70
N PHE A 133 -1.86 -24.14 15.63
CA PHE A 133 -1.70 -23.19 16.73
C PHE A 133 -3.05 -22.60 17.16
N THR A 134 -3.87 -22.24 16.16
CA THR A 134 -5.21 -21.72 16.40
C THR A 134 -6.07 -22.76 17.13
N ARG A 135 -5.96 -24.00 16.71
CA ARG A 135 -6.72 -25.09 17.34
C ARG A 135 -6.28 -25.29 18.80
N ASP A 136 -4.97 -25.14 19.06
CA ASP A 136 -4.47 -25.22 20.44
C ASP A 136 -5.08 -24.16 21.33
N PHE A 137 -5.19 -22.95 20.80
CA PHE A 137 -5.79 -21.88 21.57
C PHE A 137 -7.26 -22.09 21.81
N ALA A 138 -7.99 -22.45 20.76
CA ALA A 138 -9.42 -22.70 20.91
C ALA A 138 -9.66 -23.84 21.89
N ASP A 139 -8.89 -24.92 21.78
CA ASP A 139 -9.03 -26.03 22.73
C ASP A 139 -8.75 -25.60 24.18
N ALA A 140 -7.72 -24.78 24.38
CA ALA A 140 -7.43 -24.26 25.74
C ALA A 140 -8.58 -23.43 26.30
N ILE A 141 -9.12 -22.57 25.46
CA ILE A 141 -10.17 -21.65 25.88
C ILE A 141 -11.43 -22.45 26.16
N LEU A 142 -11.75 -23.40 25.27
CA LEU A 142 -12.93 -24.24 25.44
C LEU A 142 -12.79 -25.14 26.67
N LYS A 143 -11.61 -25.71 26.87
CA LYS A 143 -11.35 -26.55 28.04
C LYS A 143 -11.58 -25.75 29.31
N SER A 144 -11.06 -24.52 29.36
CA SER A 144 -11.21 -23.71 30.58
C SER A 144 -12.66 -23.34 30.90
N SER A 145 -13.49 -23.26 29.85
CA SER A 145 -14.85 -22.77 29.95
C SER A 145 -15.90 -23.88 29.84
N ALA A 146 -15.46 -25.13 29.83
CA ALA A 146 -16.34 -26.23 29.45
C ALA A 146 -17.59 -26.40 30.33
N GLN A 147 -17.47 -26.15 31.63
CA GLN A 147 -18.63 -26.27 32.54
C GLN A 147 -19.41 -24.96 32.68
N SER A 148 -18.90 -23.89 32.08
CA SER A 148 -19.55 -22.60 32.17
C SER A 148 -20.86 -22.60 31.37
N ALA A 149 -21.93 -22.11 32.00
CA ALA A 149 -23.22 -22.01 31.33
C ALA A 149 -23.24 -20.87 30.32
N ASP A 150 -22.65 -19.74 30.71
CA ASP A 150 -22.70 -18.51 29.92
C ASP A 150 -21.32 -17.83 29.80
N PRO A 151 -20.35 -18.53 29.18
CA PRO A 151 -19.00 -17.96 29.09
C PRO A 151 -18.94 -16.76 28.16
N VAL A 152 -18.06 -15.81 28.47
CA VAL A 152 -17.79 -14.63 27.64
C VAL A 152 -16.34 -14.74 27.21
N TYR A 153 -16.09 -14.60 25.91
CA TYR A 153 -14.75 -14.76 25.36
C TYR A 153 -14.19 -13.44 24.86
N LEU A 154 -13.05 -13.05 25.41
CA LEU A 154 -12.31 -11.87 24.98
C LEU A 154 -10.98 -12.35 24.42
N VAL A 155 -10.86 -12.28 23.10
CA VAL A 155 -9.75 -12.82 22.36
C VAL A 155 -8.94 -11.63 21.86
N HIS A 156 -7.68 -11.54 22.29
CA HIS A 156 -6.86 -10.38 21.97
C HIS A 156 -5.68 -10.58 21.03
N ASP A 157 -5.65 -9.69 20.03
CA ASP A 157 -4.58 -9.43 19.05
C ASP A 157 -4.49 -10.37 17.84
N TYR A 158 -3.70 -9.92 16.87
CA TYR A 158 -3.75 -10.44 15.51
C TYR A 158 -3.35 -11.90 15.42
N GLN A 159 -2.57 -12.39 16.38
CA GLN A 159 -2.17 -13.79 16.33
C GLN A 159 -3.31 -14.79 16.52
N LEU A 160 -4.39 -14.31 17.14
CA LEU A 160 -5.53 -15.15 17.45
C LEU A 160 -6.73 -14.91 16.51
N VAL A 161 -6.47 -14.38 15.32
CA VAL A 161 -7.57 -14.08 14.38
C VAL A 161 -8.37 -15.31 13.95
N GLY A 162 -7.78 -16.50 14.05
CA GLY A 162 -8.47 -17.74 13.67
C GLY A 162 -9.37 -18.27 14.76
N VAL A 163 -9.19 -17.79 15.97
CA VAL A 163 -9.86 -18.38 17.14
C VAL A 163 -11.39 -18.21 17.17
N PRO A 164 -11.92 -17.02 16.81
CA PRO A 164 -13.38 -16.88 16.97
C PRO A 164 -14.22 -17.92 16.22
N ALA A 165 -13.84 -18.27 14.99
CA ALA A 165 -14.57 -19.30 14.24
C ALA A 165 -14.61 -20.64 14.99
N LEU A 166 -13.48 -21.03 15.58
CA LEU A 166 -13.43 -22.30 16.30
C LEU A 166 -14.25 -22.27 17.58
N LEU A 167 -14.23 -21.14 18.30
CA LEU A 167 -15.07 -20.99 19.49
C LEU A 167 -16.56 -21.02 19.14
N ARG A 168 -16.92 -20.28 18.09
CA ARG A 168 -18.30 -20.20 17.63
C ARG A 168 -18.85 -21.58 17.21
N GLU A 169 -18.00 -22.42 16.64
CA GLU A 169 -18.37 -23.78 16.28
C GLU A 169 -18.92 -24.57 17.47
N GLN A 170 -18.28 -24.40 18.63
CA GLN A 170 -18.65 -25.16 19.83
C GLN A 170 -19.66 -24.40 20.66
N ARG A 171 -19.60 -23.08 20.59
CA ARG A 171 -20.39 -22.19 21.42
C ARG A 171 -21.19 -21.22 20.54
N PRO A 172 -22.23 -21.73 19.86
CA PRO A 172 -22.97 -20.88 18.93
C PRO A 172 -23.55 -19.60 19.55
N ASP A 173 -23.88 -19.64 20.84
CA ASP A 173 -24.59 -18.53 21.49
C ASP A 173 -23.71 -17.65 22.39
N ALA A 174 -22.40 -17.88 22.41
CA ALA A 174 -21.52 -17.14 23.33
C ALA A 174 -21.10 -15.77 22.78
N PRO A 175 -21.00 -14.75 23.67
CA PRO A 175 -20.41 -13.47 23.28
C PRO A 175 -18.92 -13.70 23.01
N ILE A 176 -18.46 -13.29 21.83
CA ILE A 176 -17.04 -13.38 21.49
C ILE A 176 -16.57 -12.03 20.96
N LEU A 177 -15.63 -11.42 21.68
CA LEU A 177 -14.94 -10.23 21.19
C LEU A 177 -13.58 -10.62 20.63
N LEU A 178 -13.28 -10.20 19.40
CA LEU A 178 -11.89 -10.21 18.91
C LEU A 178 -11.42 -8.77 18.88
N PHE A 179 -10.35 -8.49 19.64
CA PHE A 179 -9.78 -7.15 19.64
C PHE A 179 -8.37 -7.17 19.07
N VAL A 180 -8.19 -6.45 17.97
CA VAL A 180 -6.91 -6.40 17.27
C VAL A 180 -6.16 -5.13 17.66
N HIS A 181 -4.91 -5.30 18.10
CA HIS A 181 -4.10 -4.19 18.64
C HIS A 181 -3.26 -3.47 17.59
N ILE A 182 -3.30 -3.97 16.37
CA ILE A 182 -2.49 -3.42 15.29
C ILE A 182 -3.38 -2.84 14.19
N PRO A 183 -2.79 -2.18 13.17
CA PRO A 183 -3.65 -1.65 12.13
C PRO A 183 -4.31 -2.75 11.31
N TRP A 184 -5.32 -2.38 10.54
CA TRP A 184 -5.82 -3.23 9.44
C TRP A 184 -5.55 -2.49 8.14
N PRO A 185 -4.92 -3.15 7.16
CA PRO A 185 -4.50 -2.45 5.95
C PRO A 185 -5.60 -2.26 4.93
N SER A 186 -5.37 -1.32 4.01
CA SER A 186 -6.32 -1.09 2.92
C SER A 186 -6.60 -2.40 2.20
N ALA A 187 -7.78 -2.50 1.58
CA ALA A 187 -8.14 -3.74 0.88
C ALA A 187 -7.09 -4.19 -0.15
N ASP A 188 -6.57 -3.26 -0.94
CA ASP A 188 -5.60 -3.62 -1.98
C ASP A 188 -4.33 -4.23 -1.38
N TYR A 189 -3.99 -3.78 -0.18
CA TYR A 189 -2.78 -4.21 0.49
C TYR A 189 -3.02 -5.55 1.18
N TRP A 190 -4.19 -5.67 1.82
CA TRP A 190 -4.58 -6.95 2.42
C TRP A 190 -4.52 -8.11 1.42
N ARG A 191 -4.98 -7.89 0.20
CA ARG A 191 -5.03 -8.98 -0.77
C ARG A 191 -3.67 -9.29 -1.40
N ILE A 192 -2.61 -8.64 -0.92
CA ILE A 192 -1.25 -9.11 -1.23
C ILE A 192 -1.09 -10.55 -0.72
N LEU A 193 -1.69 -10.87 0.43
CA LEU A 193 -1.54 -12.20 1.02
C LEU A 193 -2.05 -13.32 0.10
N PRO A 194 -1.46 -14.52 0.21
CA PRO A 194 -1.99 -15.65 -0.55
C PRO A 194 -3.46 -15.85 -0.31
N LYS A 195 -4.16 -16.32 -1.34
CA LYS A 195 -5.60 -16.53 -1.26
C LYS A 195 -6.09 -17.27 -0.01
N GLU A 196 -5.47 -18.40 0.35
CA GLU A 196 -5.97 -19.16 1.49
C GLU A 196 -5.81 -18.41 2.83
N ILE A 197 -4.81 -17.53 2.90
CA ILE A 197 -4.56 -16.73 4.10
C ILE A 197 -5.47 -15.49 4.15
N ARG A 198 -5.52 -14.72 3.07
CA ARG A 198 -6.32 -13.47 3.01
C ARG A 198 -7.80 -13.79 3.29
N THR A 199 -8.27 -14.91 2.76
CA THR A 199 -9.65 -15.33 3.01
C THR A 199 -9.81 -16.11 4.32
N GLY A 200 -8.88 -17.03 4.60
CA GLY A 200 -8.97 -17.86 5.81
C GLY A 200 -8.99 -17.05 7.08
N ILE A 201 -8.22 -15.97 7.09
CA ILE A 201 -8.17 -15.08 8.27
C ILE A 201 -9.52 -14.38 8.43
N LEU A 202 -10.08 -13.88 7.34
CA LEU A 202 -11.44 -13.30 7.42
C LEU A 202 -12.50 -14.29 7.89
N HIS A 203 -12.42 -15.52 7.39
CA HIS A 203 -13.32 -16.59 7.85
C HIS A 203 -13.14 -16.87 9.34
N GLY A 204 -11.92 -16.70 9.86
CA GLY A 204 -11.65 -16.95 11.27
C GLY A 204 -12.20 -15.86 12.17
N MET A 205 -12.22 -14.62 11.66
CA MET A 205 -12.58 -13.44 12.46
C MET A 205 -14.07 -13.17 12.49
N LEU A 206 -14.72 -13.33 11.33
CA LEU A 206 -16.11 -12.88 11.21
C LEU A 206 -17.13 -13.53 12.15
N PRO A 207 -16.91 -14.80 12.57
CA PRO A 207 -17.82 -15.40 13.56
C PRO A 207 -17.84 -14.71 14.92
N ALA A 208 -16.87 -13.84 15.22
CA ALA A 208 -16.95 -13.04 16.44
C ALA A 208 -18.23 -12.22 16.49
N THR A 209 -18.72 -12.00 17.70
CA THR A 209 -19.85 -11.09 17.92
C THR A 209 -19.42 -9.68 17.57
N THR A 210 -18.22 -9.32 18.02
CA THR A 210 -17.68 -7.98 17.89
C THR A 210 -16.21 -8.08 17.50
N ILE A 211 -15.81 -7.27 16.53
CA ILE A 211 -14.37 -7.11 16.22
C ILE A 211 -14.02 -5.66 16.55
N GLY A 212 -13.01 -5.47 17.40
CA GLY A 212 -12.58 -4.14 17.79
C GLY A 212 -11.18 -3.83 17.30
N PHE A 213 -10.96 -2.55 17.02
CA PHE A 213 -9.63 -2.00 16.69
C PHE A 213 -9.50 -0.70 17.49
N PHE A 214 -8.29 -0.14 17.53
CA PHE A 214 -8.03 1.09 18.26
C PHE A 214 -8.46 2.37 17.52
N ALA A 215 -8.71 2.24 16.22
CA ALA A 215 -9.00 3.41 15.37
C ALA A 215 -10.05 3.14 14.33
N ASP A 216 -10.81 4.18 14.00
CA ASP A 216 -11.83 4.13 12.94
C ASP A 216 -11.23 3.67 11.60
N ARG A 217 -10.03 4.14 11.29
CA ARG A 217 -9.41 3.82 9.98
C ARG A 217 -9.23 2.32 9.81
N TRP A 218 -8.87 1.67 10.91
CA TRP A 218 -8.64 0.23 10.85
C TRP A 218 -9.96 -0.51 10.63
N CYS A 219 -11.00 -0.07 11.32
CA CYS A 219 -12.35 -0.62 11.10
C CYS A 219 -12.81 -0.45 9.65
N ARG A 220 -12.61 0.74 9.07
CA ARG A 220 -12.97 0.99 7.67
C ARG A 220 -12.21 0.08 6.71
N ASN A 221 -10.90 -0.06 6.97
CA ASN A 221 -10.04 -0.87 6.09
C ASN A 221 -10.47 -2.33 6.18
N PHE A 222 -10.84 -2.76 7.39
CA PHE A 222 -11.35 -4.12 7.60
C PHE A 222 -12.61 -4.37 6.79
N LEU A 223 -13.60 -3.47 6.91
CA LEU A 223 -14.82 -3.59 6.11
C LEU A 223 -14.56 -3.63 4.61
N GLU A 224 -13.64 -2.80 4.13
CA GLU A 224 -13.32 -2.78 2.70
C GLU A 224 -12.68 -4.08 2.26
N SER A 225 -11.84 -4.66 3.13
CA SER A 225 -11.21 -5.95 2.86
C SER A 225 -12.26 -7.06 2.73
N VAL A 226 -13.21 -7.09 3.66
CA VAL A 226 -14.33 -8.04 3.62
C VAL A 226 -15.17 -7.88 2.33
N ALA A 227 -15.55 -6.64 2.02
CA ALA A 227 -16.33 -6.35 0.81
C ALA A 227 -15.60 -6.82 -0.45
N ASP A 228 -14.29 -6.63 -0.46
CA ASP A 228 -13.46 -6.95 -1.62
C ASP A 228 -13.32 -8.47 -1.84
N LEU A 229 -13.15 -9.21 -0.75
CA LEU A 229 -12.76 -10.61 -0.85
C LEU A 229 -13.89 -11.63 -0.68
N LEU A 230 -14.96 -11.22 -0.02
CA LEU A 230 -16.06 -12.13 0.27
C LEU A 230 -17.32 -11.65 -0.45
N PRO A 231 -17.56 -12.16 -1.66
CA PRO A 231 -18.68 -11.66 -2.48
C PRO A 231 -20.01 -11.92 -1.79
N ASP A 232 -20.02 -12.92 -0.90
CA ASP A 232 -21.22 -13.30 -0.16
C ASP A 232 -21.48 -12.47 1.11
N ALA A 233 -20.55 -11.58 1.43
CA ALA A 233 -20.71 -10.70 2.59
C ALA A 233 -21.36 -9.37 2.21
N ARG A 234 -22.14 -8.82 3.12
CA ARG A 234 -22.74 -7.51 2.91
C ARG A 234 -22.24 -6.60 4.01
N ILE A 235 -21.61 -5.49 3.62
CA ILE A 235 -21.12 -4.52 4.61
C ILE A 235 -22.01 -3.31 4.65
N ASP A 236 -22.04 -2.65 5.80
CA ASP A 236 -22.74 -1.40 5.94
C ASP A 236 -21.77 -0.44 6.60
N ARG A 237 -21.25 0.51 5.82
CA ARG A 237 -20.21 1.43 6.30
C ARG A 237 -20.69 2.34 7.43
N GLU A 238 -21.98 2.65 7.43
CA GLU A 238 -22.58 3.56 8.41
C GLU A 238 -22.86 2.82 9.72
N ALA A 239 -23.41 1.61 9.61
CA ALA A 239 -23.72 0.79 10.77
C ALA A 239 -22.49 0.09 11.32
N MET A 240 -21.41 0.08 10.53
CA MET A 240 -20.17 -0.64 10.86
C MET A 240 -20.47 -2.13 11.09
N THR A 241 -21.19 -2.75 10.17
CA THR A 241 -21.53 -4.16 10.31
C THR A 241 -21.13 -4.97 9.09
N VAL A 242 -20.93 -6.27 9.32
CA VAL A 242 -20.80 -7.27 8.26
C VAL A 242 -21.91 -8.29 8.47
N GLU A 243 -22.60 -8.63 7.38
CA GLU A 243 -23.56 -9.73 7.38
C GLU A 243 -23.05 -10.80 6.40
N TRP A 244 -22.78 -11.98 6.91
CA TRP A 244 -22.10 -13.02 6.13
C TRP A 244 -22.50 -14.40 6.60
N ARG A 245 -23.11 -15.18 5.70
CA ARG A 245 -23.50 -16.56 6.01
C ARG A 245 -24.38 -16.63 7.28
N GLY A 246 -25.27 -15.65 7.42
CA GLY A 246 -26.09 -15.53 8.63
C GLY A 246 -25.35 -15.15 9.92
N HIS A 247 -24.02 -14.93 9.83
CA HIS A 247 -23.22 -14.32 10.91
C HIS A 247 -23.39 -12.78 10.78
N ARG A 248 -23.76 -12.14 11.89
CA ARG A 248 -23.75 -10.67 11.95
C ARG A 248 -22.59 -10.26 12.84
N THR A 249 -21.71 -9.39 12.33
CA THR A 249 -20.53 -8.94 13.06
C THR A 249 -20.53 -7.42 13.16
N ARG A 250 -20.28 -6.90 14.36
CA ARG A 250 -20.18 -5.47 14.58
C ARG A 250 -18.72 -5.07 14.72
N LEU A 251 -18.35 -4.02 14.00
CA LEU A 251 -17.02 -3.45 14.10
C LEU A 251 -17.05 -2.24 15.01
N ARG A 252 -16.11 -2.18 15.95
CA ARG A 252 -16.07 -1.07 16.91
C ARG A 252 -14.68 -0.48 17.06
N THR A 253 -14.64 0.82 17.26
CA THR A 253 -13.41 1.51 17.61
C THR A 253 -13.40 1.70 19.11
N MET A 254 -12.34 1.22 19.76
CA MET A 254 -12.20 1.37 21.21
C MET A 254 -10.78 1.85 21.49
N PRO A 255 -10.57 3.18 21.51
CA PRO A 255 -9.25 3.74 21.78
C PRO A 255 -8.72 3.43 23.17
N LEU A 256 -7.42 3.28 23.26
CA LEU A 256 -6.73 3.06 24.52
C LEU A 256 -5.59 4.06 24.56
N GLY A 257 -5.38 4.66 25.73
CA GLY A 257 -4.32 5.63 25.88
C GLY A 257 -3.19 5.18 26.80
N TYR A 258 -3.53 4.85 28.04
CA TYR A 258 -2.52 4.58 29.06
C TYR A 258 -3.12 3.96 30.31
N SER A 259 -2.25 3.48 31.18
CA SER A 259 -2.65 3.05 32.51
C SER A 259 -2.10 4.05 33.53
N PRO A 260 -2.99 4.67 34.34
CA PRO A 260 -2.52 5.61 35.36
C PRO A 260 -1.50 4.97 36.30
N LEU A 261 -1.69 3.70 36.62
CA LEU A 261 -0.86 2.97 37.58
C LEU A 261 0.58 2.76 37.09
N THR A 262 0.78 2.84 35.78
CA THR A 262 2.14 2.69 35.22
C THR A 262 2.90 4.02 35.13
N LEU A 263 2.20 5.14 35.36
CA LEU A 263 2.84 6.44 35.34
C LEU A 263 3.27 6.90 36.73
N PRO A 268 11.55 8.56 38.59
CA PRO A 268 12.62 7.67 38.15
C PRO A 268 13.82 8.46 37.59
N GLN A 269 14.99 7.83 37.57
CA GLN A 269 16.22 8.45 37.07
C GLN A 269 16.45 8.16 35.60
N LEU A 270 17.15 9.08 34.93
CA LEU A 270 17.56 8.90 33.53
C LEU A 270 18.62 7.80 33.40
N PRO A 271 18.77 7.21 32.21
CA PRO A 271 19.82 6.20 32.02
C PRO A 271 21.20 6.80 32.23
N GLU A 272 22.18 5.96 32.55
CA GLU A 272 23.53 6.45 32.87
C GLU A 272 24.06 7.38 31.78
N GLY A 273 24.61 8.51 32.21
CA GLY A 273 25.27 9.44 31.30
C GLY A 273 24.35 10.45 30.64
N ILE A 274 23.07 10.12 30.54
CA ILE A 274 22.11 10.97 29.80
C ILE A 274 21.91 12.36 30.44
N GLU A 275 21.73 12.41 31.75
CA GLU A 275 21.53 13.70 32.44
C GLU A 275 22.68 14.67 32.18
N GLU A 276 23.91 14.20 32.35
CA GLU A 276 25.09 15.03 32.17
C GLU A 276 25.26 15.45 30.71
N TRP A 277 25.02 14.50 29.80
CA TRP A 277 25.10 14.75 28.36
C TRP A 277 24.06 15.80 27.93
N ALA A 278 22.86 15.71 28.49
CA ALA A 278 21.76 16.63 28.14
C ALA A 278 21.81 17.98 28.85
N ASP A 279 22.59 18.08 29.92
CA ASP A 279 22.66 19.29 30.75
C ASP A 279 23.02 20.52 29.93
N GLY A 280 22.27 21.60 30.12
CA GLY A 280 22.46 22.83 29.36
C GLY A 280 21.94 22.83 27.94
N HIS A 281 21.28 21.73 27.54
CA HIS A 281 20.77 21.57 26.19
C HIS A 281 19.26 21.37 26.17
N ARG A 282 18.62 21.77 25.07
CA ARG A 282 17.24 21.35 24.80
C ARG A 282 17.36 19.92 24.29
N LEU A 283 16.42 19.06 24.69
CA LEU A 283 16.50 17.66 24.32
C LEU A 283 15.30 17.18 23.52
N VAL A 284 15.56 16.74 22.30
CA VAL A 284 14.53 16.08 21.49
C VAL A 284 14.59 14.59 21.81
N VAL A 285 13.43 13.99 22.12
CA VAL A 285 13.39 12.56 22.42
C VAL A 285 12.49 11.80 21.43
N HIS A 286 13.07 10.80 20.77
CA HIS A 286 12.32 9.81 20.01
C HIS A 286 12.40 8.51 20.80
N SER A 287 11.26 7.84 21.00
CA SER A 287 11.22 6.63 21.83
C SER A 287 10.38 5.54 21.20
N GLY A 288 10.88 4.30 21.14
CA GLY A 288 10.08 3.17 20.68
C GLY A 288 10.84 1.87 20.53
N ARG A 289 10.12 0.77 20.33
CA ARG A 289 10.70 -0.54 20.07
C ARG A 289 11.58 -0.55 18.83
N THR A 290 12.50 -1.52 18.76
CA THR A 290 13.29 -1.75 17.56
C THR A 290 12.41 -2.41 16.50
N ASP A 291 11.55 -1.61 15.90
CA ASP A 291 10.64 -2.09 14.88
C ASP A 291 10.60 -0.99 13.84
N PRO A 292 10.64 -1.36 12.55
CA PRO A 292 10.73 -0.34 11.52
C PRO A 292 9.57 0.64 11.55
N ILE A 293 8.41 0.26 12.08
CA ILE A 293 7.30 1.22 12.10
C ILE A 293 7.62 2.42 12.97
N LYS A 294 8.54 2.29 13.92
CA LYS A 294 8.79 3.39 14.86
C LYS A 294 9.47 4.59 14.21
N ASN A 295 10.13 4.38 13.08
CA ASN A 295 10.54 5.49 12.16
C ASN A 295 11.62 6.42 12.70
N ALA A 296 12.50 5.89 13.56
CA ALA A 296 13.57 6.71 14.13
C ALA A 296 14.56 7.24 13.10
N GLU A 297 14.76 6.52 12.00
CA GLU A 297 15.77 6.96 11.02
C GLU A 297 15.32 8.27 10.41
N ARG A 298 14.04 8.34 10.04
CA ARG A 298 13.52 9.56 9.44
C ARG A 298 13.47 10.69 10.45
N ALA A 299 13.22 10.37 11.72
CA ALA A 299 13.23 11.39 12.78
C ALA A 299 14.61 12.03 12.92
N VAL A 300 15.66 11.21 12.84
CA VAL A 300 17.05 11.73 12.89
C VAL A 300 17.39 12.60 11.68
N ARG A 301 17.00 12.14 10.49
CA ARG A 301 17.23 12.92 9.27
C ARG A 301 16.48 14.24 9.34
N ALA A 302 15.25 14.22 9.87
CA ALA A 302 14.47 15.45 9.99
C ALA A 302 15.14 16.42 10.95
N PHE A 303 15.70 15.87 12.02
CA PHE A 303 16.45 16.67 12.98
C PHE A 303 17.64 17.37 12.34
N VAL A 304 18.45 16.62 11.57
CA VAL A 304 19.57 17.21 10.83
C VAL A 304 19.11 18.34 9.92
N LEU A 305 18.00 18.13 9.20
CA LEU A 305 17.47 19.17 8.32
C LEU A 305 17.11 20.42 9.11
N ALA A 306 16.51 20.23 10.28
CA ALA A 306 16.13 21.37 11.12
C ALA A 306 17.36 22.09 11.64
N ALA A 307 18.37 21.33 12.06
CA ALA A 307 19.61 21.92 12.61
C ALA A 307 20.38 22.74 11.58
N ARG A 308 20.34 22.31 10.32
CA ARG A 308 20.96 23.04 9.21
C ARG A 308 20.42 24.47 9.07
N GLY A 309 19.18 24.68 9.51
CA GLY A 309 18.49 25.94 9.35
C GLY A 309 18.81 26.96 10.42
N GLY A 310 19.48 26.52 11.49
CA GLY A 310 19.86 27.38 12.60
C GLY A 310 18.76 27.48 13.64
N GLY A 311 19.15 27.82 14.86
CA GLY A 311 18.19 27.99 15.95
C GLY A 311 18.14 26.81 16.89
N LEU A 312 18.95 25.78 16.59
CA LEU A 312 19.04 24.58 17.40
C LEU A 312 20.48 24.35 17.89
N GLU A 313 21.19 25.44 18.16
CA GLU A 313 22.61 25.36 18.50
C GLU A 313 22.90 24.63 19.82
N LYS A 314 21.98 24.72 20.78
CA LYS A 314 22.15 24.00 22.05
C LYS A 314 21.09 22.92 22.19
N THR A 315 20.83 22.22 21.10
CA THR A 315 19.85 21.15 21.08
C THR A 315 20.54 19.84 20.78
N ARG A 316 20.20 18.82 21.56
CA ARG A 316 20.62 17.46 21.28
C ARG A 316 19.43 16.52 21.07
N MET A 317 19.68 15.37 20.45
CA MET A 317 18.62 14.38 20.23
C MET A 317 18.96 13.03 20.82
N LEU A 318 18.00 12.48 21.55
CA LEU A 318 18.09 11.15 22.13
C LEU A 318 17.15 10.21 21.39
N VAL A 319 17.73 9.14 20.85
CA VAL A 319 16.94 8.07 20.21
C VAL A 319 16.91 6.91 21.19
N ARG A 320 15.76 6.75 21.82
CA ARG A 320 15.54 5.72 22.79
C ARG A 320 14.94 4.51 22.09
N MET A 321 15.66 3.39 22.09
CA MET A 321 15.21 2.21 21.40
C MET A 321 15.07 1.06 22.37
N ASN A 322 13.94 0.36 22.31
CA ASN A 322 13.68 -0.78 23.20
C ASN A 322 13.87 -2.09 22.46
N PRO A 323 15.00 -2.78 22.69
CA PRO A 323 15.38 -3.99 21.97
C PRO A 323 14.29 -5.05 22.04
N ASN A 324 13.84 -5.50 20.87
CA ASN A 324 12.74 -6.43 20.74
C ASN A 324 12.87 -7.15 19.41
N ARG A 325 13.13 -8.46 19.49
CA ARG A 325 13.16 -9.32 18.30
C ARG A 325 14.17 -8.84 17.27
N LEU A 326 15.40 -8.64 17.72
CA LEU A 326 16.51 -8.21 16.88
C LEU A 326 16.97 -9.28 15.89
N TYR A 327 16.44 -10.49 16.03
CA TYR A 327 16.73 -11.57 15.08
C TYR A 327 15.89 -11.48 13.81
N VAL A 328 14.82 -10.69 13.83
CA VAL A 328 13.98 -10.50 12.65
C VAL A 328 14.73 -9.56 11.70
N PRO A 329 14.96 -10.00 10.45
CA PRO A 329 15.77 -9.19 9.52
C PRO A 329 15.34 -7.71 9.39
N ALA A 330 14.05 -7.44 9.28
CA ALA A 330 13.57 -6.05 9.16
C ALA A 330 13.90 -5.20 10.39
N ASN A 331 13.91 -5.82 11.57
CA ASN A 331 14.28 -5.11 12.81
C ASN A 331 15.78 -4.83 12.86
N ALA A 332 16.59 -5.83 12.49
CA ALA A 332 18.03 -5.65 12.42
C ALA A 332 18.40 -4.55 11.43
N ASP A 333 17.74 -4.56 10.27
CA ASP A 333 17.99 -3.57 9.24
C ASP A 333 17.62 -2.18 9.74
N TYR A 334 16.48 -2.09 10.42
CA TYR A 334 16.02 -0.83 11.03
C TYR A 334 17.06 -0.23 11.97
N VAL A 335 17.57 -1.06 12.89
CA VAL A 335 18.59 -0.60 13.82
C VAL A 335 19.84 -0.13 13.09
N HIS A 336 20.28 -0.88 12.08
CA HIS A 336 21.42 -0.46 11.27
C HIS A 336 21.22 0.89 10.61
N ARG A 337 20.03 1.11 10.03
CA ARG A 337 19.73 2.37 9.37
C ARG A 337 19.69 3.53 10.35
N VAL A 338 19.14 3.30 11.54
CA VAL A 338 19.13 4.32 12.59
C VAL A 338 20.56 4.64 13.06
N GLU A 339 21.38 3.62 13.29
CA GLU A 339 22.79 3.83 13.65
C GLU A 339 23.55 4.63 12.60
N THR A 340 23.32 4.32 11.33
CA THR A 340 23.91 5.03 10.20
C THR A 340 23.51 6.50 10.21
N ALA A 341 22.22 6.79 10.39
CA ALA A 341 21.74 8.18 10.38
C ALA A 341 22.30 8.98 11.56
N VAL A 342 22.40 8.33 12.72
CA VAL A 342 22.96 8.98 13.91
C VAL A 342 24.46 9.31 13.73
N ALA A 343 25.21 8.37 13.17
CA ALA A 343 26.62 8.63 12.85
C ALA A 343 26.79 9.75 11.82
N GLU A 344 25.92 9.77 10.81
CA GLU A 344 25.99 10.81 9.79
C GLU A 344 25.58 12.17 10.34
N ALA A 345 24.64 12.17 11.30
CA ALA A 345 24.22 13.41 11.97
C ALA A 345 25.38 14.00 12.76
N ASN A 346 26.05 13.15 13.51
CA ASN A 346 27.20 13.57 14.32
C ASN A 346 28.37 14.05 13.48
N ALA A 347 28.61 13.38 12.36
CA ALA A 347 29.69 13.78 11.44
C ALA A 347 29.45 15.18 10.88
N GLU A 348 28.18 15.54 10.68
CA GLU A 348 27.80 16.85 10.16
C GLU A 348 27.66 17.93 11.23
N LEU A 349 26.98 17.59 12.33
CA LEU A 349 26.57 18.60 13.32
C LEU A 349 27.55 18.73 14.48
N GLY A 350 28.36 17.70 14.69
CA GLY A 350 29.35 17.70 15.76
C GLY A 350 29.21 16.44 16.60
N SER A 351 30.34 15.92 17.06
CA SER A 351 30.33 14.71 17.89
C SER A 351 29.34 14.85 19.05
N ASP A 352 28.64 13.76 19.36
CA ASP A 352 27.71 13.65 20.50
C ASP A 352 26.42 14.51 20.41
N THR A 353 26.07 14.98 19.21
CA THR A 353 24.82 15.71 19.02
C THR A 353 23.62 14.76 19.20
N VAL A 354 23.74 13.57 18.64
CA VAL A 354 22.68 12.57 18.72
C VAL A 354 23.23 11.30 19.37
N ARG A 355 22.43 10.75 20.29
CA ARG A 355 22.77 9.50 20.96
C ARG A 355 21.64 8.50 20.87
N ILE A 356 22.03 7.24 20.73
CA ILE A 356 21.12 6.12 20.85
C ILE A 356 21.25 5.56 22.25
N ASP A 357 20.13 5.31 22.92
CA ASP A 357 20.15 4.66 24.22
C ASP A 357 19.16 3.50 24.26
N ASN A 358 19.70 2.29 24.44
CA ASN A 358 18.95 1.04 24.30
C ASN A 358 18.78 0.21 25.57
N ASP A 359 17.52 0.05 25.99
CA ASP A 359 17.14 -0.91 27.05
C ASP A 359 15.61 -1.06 27.11
N ASN A 360 15.14 -1.98 27.96
CA ASN A 360 13.70 -2.20 28.15
C ASN A 360 13.21 -1.78 29.54
N ASP A 361 13.92 -0.82 30.12
CA ASP A 361 13.64 -0.33 31.46
C ASP A 361 12.59 0.78 31.40
N VAL A 362 11.39 0.50 31.91
CA VAL A 362 10.28 1.47 31.90
C VAL A 362 10.61 2.76 32.61
N ASN A 363 11.32 2.64 33.74
CA ASN A 363 11.74 3.79 34.51
C ASN A 363 12.59 4.73 33.67
N HIS A 364 13.52 4.17 32.89
CA HIS A 364 14.32 4.97 31.98
C HIS A 364 13.45 5.64 30.92
N THR A 365 12.47 4.93 30.38
CA THR A 365 11.52 5.51 29.41
C THR A 365 10.74 6.70 30.00
N ILE A 366 10.15 6.50 31.16
CA ILE A 366 9.38 7.57 31.82
C ILE A 366 10.26 8.80 32.09
N ALA A 367 11.49 8.56 32.55
CA ALA A 367 12.44 9.64 32.84
C ALA A 367 12.78 10.42 31.58
N CYS A 368 12.95 9.72 30.47
CA CYS A 368 13.21 10.38 29.20
C CYS A 368 12.01 11.21 28.76
N PHE A 369 10.80 10.69 28.99
CA PHE A 369 9.56 11.43 28.70
C PHE A 369 9.50 12.72 29.50
N ARG A 370 9.86 12.64 30.79
CA ARG A 370 9.88 13.79 31.70
C ARG A 370 10.87 14.87 31.27
N ARG A 371 12.07 14.43 30.87
CA ARG A 371 13.17 15.35 30.55
C ARG A 371 12.96 16.06 29.21
N ALA A 372 12.23 15.42 28.30
CA ALA A 372 12.13 15.91 26.92
C ALA A 372 11.61 17.34 26.80
N ASP A 373 12.27 18.11 25.94
CA ASP A 373 11.80 19.44 25.56
C ASP A 373 10.95 19.38 24.28
N LEU A 374 11.10 18.29 23.54
CA LEU A 374 10.26 17.97 22.37
C LEU A 374 10.14 16.45 22.29
N LEU A 375 8.91 15.95 22.09
CA LEU A 375 8.68 14.52 21.94
C LEU A 375 8.30 14.21 20.49
N ILE A 376 8.87 13.13 19.94
CA ILE A 376 8.56 12.74 18.56
C ILE A 376 8.09 11.30 18.52
N PHE A 377 6.84 11.11 18.08
CA PHE A 377 6.26 9.78 17.85
C PHE A 377 5.74 9.77 16.43
N ASN A 378 6.67 9.57 15.48
CA ASN A 378 6.40 9.76 14.07
C ASN A 378 6.29 8.44 13.32
N SER A 379 5.64 7.46 13.92
CA SER A 379 5.56 6.10 13.33
C SER A 379 5.11 6.11 11.88
N THR A 380 5.67 5.21 11.08
CA THR A 380 5.19 5.06 9.70
C THR A 380 3.71 4.66 9.70
N VAL A 381 3.35 3.80 10.65
CA VAL A 381 1.97 3.45 10.99
C VAL A 381 2.03 2.89 12.41
N ASP A 382 0.91 2.92 13.14
CA ASP A 382 0.91 2.35 14.49
C ASP A 382 -0.54 2.01 14.83
N GLY A 383 -0.79 0.81 15.35
CA GLY A 383 -2.14 0.44 15.75
C GLY A 383 -2.75 1.52 16.63
N GLN A 384 -1.99 1.99 17.62
CA GLN A 384 -2.40 3.15 18.41
C GLN A 384 -1.22 4.06 18.73
N ASN A 385 -0.24 3.51 19.44
CA ASN A 385 0.89 4.24 20.09
C ASN A 385 0.43 4.80 21.44
N LEU A 386 0.81 4.10 22.51
CA LEU A 386 0.40 4.51 23.84
C LEU A 386 1.36 5.55 24.40
N SER A 387 2.59 5.58 23.87
CA SER A 387 3.60 6.53 24.30
C SER A 387 3.14 7.98 24.10
N THR A 388 2.35 8.22 23.05
CA THR A 388 1.88 9.59 22.82
C THR A 388 0.81 10.05 23.83
N PHE A 389 0.28 9.13 24.65
CA PHE A 389 -0.59 9.50 25.77
C PHE A 389 0.26 9.62 27.03
N GLU A 390 1.11 8.62 27.28
CA GLU A 390 1.94 8.58 28.49
C GLU A 390 2.88 9.78 28.57
N ALA A 391 3.56 10.11 27.47
CA ALA A 391 4.60 11.14 27.51
C ALA A 391 4.09 12.52 27.88
N PRO A 392 3.04 13.03 27.19
CA PRO A 392 2.56 14.35 27.61
C PRO A 392 2.04 14.37 29.04
N LEU A 393 1.51 13.24 29.52
CA LEU A 393 0.94 13.19 30.86
C LEU A 393 2.00 13.22 31.97
N VAL A 394 3.22 12.83 31.64
CA VAL A 394 4.33 12.87 32.62
C VAL A 394 5.33 14.01 32.40
N ASN A 395 5.36 14.55 31.17
CA ASN A 395 6.35 15.57 30.82
C ASN A 395 6.31 16.78 31.73
N GLU A 396 7.48 17.34 32.03
CA GLU A 396 7.60 18.42 33.00
C GLU A 396 8.09 19.73 32.37
N ARG A 397 7.93 19.85 31.05
CA ARG A 397 8.49 20.97 30.30
C ARG A 397 7.48 21.55 29.33
N ASP A 398 6.25 21.04 29.37
CA ASP A 398 5.24 21.37 28.39
C ASP A 398 5.78 21.18 26.98
N ALA A 399 6.50 20.08 26.80
CA ALA A 399 7.06 19.72 25.50
C ALA A 399 5.95 19.59 24.47
N ASP A 400 6.19 20.08 23.26
CA ASP A 400 5.29 19.80 22.16
C ASP A 400 5.47 18.33 21.79
N VAL A 401 4.46 17.82 21.09
CA VAL A 401 4.49 16.45 20.60
C VAL A 401 4.35 16.50 19.08
N ILE A 402 5.30 15.87 18.38
CA ILE A 402 5.16 15.64 16.96
C ILE A 402 4.62 14.22 16.81
N LEU A 403 3.44 14.11 16.19
CA LEU A 403 2.76 12.84 16.10
C LEU A 403 2.44 12.52 14.66
N SER A 404 2.81 11.32 14.21
CA SER A 404 2.41 10.89 12.89
C SER A 404 0.90 10.76 12.75
N GLU A 405 0.39 11.31 11.65
CA GLU A 405 -1.02 11.17 11.28
C GLU A 405 -1.46 9.71 11.08
N THR A 406 -0.49 8.80 10.94
CA THR A 406 -0.79 7.39 10.69
C THR A 406 -0.84 6.51 11.95
N CYS A 407 -0.66 7.13 13.13
CA CYS A 407 -0.87 6.44 14.40
C CYS A 407 -2.35 6.43 14.73
N GLY A 408 -2.85 5.32 15.25
CA GLY A 408 -4.23 5.24 15.75
C GLY A 408 -4.53 6.40 16.69
N ALA A 409 -3.55 6.73 17.51
CA ALA A 409 -3.68 7.81 18.50
C ALA A 409 -4.02 9.16 17.88
N ALA A 410 -3.66 9.36 16.61
CA ALA A 410 -3.91 10.65 15.95
C ALA A 410 -5.40 10.97 15.87
N GLU A 411 -6.24 9.94 15.87
CA GLU A 411 -7.68 10.13 15.82
C GLU A 411 -8.21 10.81 17.09
N VAL A 412 -7.50 10.63 18.20
CA VAL A 412 -7.88 11.25 19.47
C VAL A 412 -7.06 12.50 19.77
N LEU A 413 -5.76 12.44 19.46
CA LEU A 413 -4.80 13.49 19.86
C LEU A 413 -4.22 14.34 18.73
N GLY A 414 -4.53 13.99 17.48
CA GLY A 414 -3.94 14.71 16.33
C GLY A 414 -4.09 16.22 16.37
N GLU A 415 -5.27 16.68 16.78
CA GLU A 415 -5.56 18.12 16.78
C GLU A 415 -4.86 18.84 17.94
N TYR A 416 -4.31 18.07 18.87
CA TYR A 416 -3.66 18.63 20.05
C TYR A 416 -2.14 18.55 19.97
N CYS A 417 -1.66 17.97 18.87
CA CYS A 417 -0.23 17.78 18.65
C CYS A 417 0.15 18.39 17.31
N ARG A 418 1.42 18.29 16.92
CA ARG A 418 1.83 18.69 15.58
C ARG A 418 1.76 17.43 14.73
N SER A 419 0.64 17.28 14.01
CA SER A 419 0.42 16.11 13.17
C SER A 419 1.21 16.21 11.88
N VAL A 420 1.96 15.15 11.58
CA VAL A 420 2.83 15.14 10.41
C VAL A 420 2.66 13.90 9.53
N ASN A 421 2.99 14.06 8.26
CA ASN A 421 3.19 12.94 7.34
C ASN A 421 4.57 12.34 7.69
N PRO A 422 4.60 11.06 8.09
CA PRO A 422 5.84 10.47 8.61
C PRO A 422 6.92 10.22 7.55
N PHE A 423 6.54 10.40 6.28
CA PHE A 423 7.46 10.18 5.13
C PHE A 423 8.06 11.46 4.62
N ASP A 424 7.61 12.59 5.15
CA ASP A 424 8.03 13.90 4.64
C ASP A 424 9.04 14.50 5.61
N LEU A 425 10.32 14.43 5.24
CA LEU A 425 11.39 14.92 6.11
C LEU A 425 11.33 16.44 6.31
N VAL A 426 10.91 17.16 5.27
CA VAL A 426 10.91 18.62 5.34
C VAL A 426 9.78 19.03 6.27
N GLU A 427 8.62 18.38 6.13
CA GLU A 427 7.53 18.71 7.05
C GLU A 427 7.95 18.46 8.49
N GLN A 428 8.60 17.32 8.72
CA GLN A 428 8.99 16.94 10.06
C GLN A 428 10.06 17.89 10.59
N ALA A 429 11.00 18.30 9.74
CA ALA A 429 12.03 19.28 10.13
C ALA A 429 11.40 20.61 10.51
N GLU A 430 10.44 21.07 9.70
CA GLU A 430 9.75 22.33 9.98
C GLU A 430 8.97 22.26 11.29
N ALA A 431 8.41 21.09 11.60
CA ALA A 431 7.72 20.88 12.87
C ALA A 431 8.67 20.87 14.07
N ILE A 432 9.85 20.26 13.90
CA ILE A 432 10.89 20.29 14.95
C ILE A 432 11.27 21.74 15.23
N SER A 433 11.56 22.49 14.17
CA SER A 433 11.91 23.90 14.28
C SER A 433 10.82 24.75 14.94
N ALA A 434 9.57 24.57 14.51
CA ALA A 434 8.47 25.35 15.07
C ALA A 434 8.21 24.98 16.52
N ALA A 435 8.33 23.69 16.85
CA ALA A 435 8.11 23.23 18.22
C ALA A 435 9.10 23.85 19.19
N LEU A 436 10.34 24.02 18.76
CA LEU A 436 11.39 24.58 19.61
C LEU A 436 11.55 26.10 19.49
N ALA A 437 10.79 26.73 18.61
CA ALA A 437 10.81 28.18 18.50
C ALA A 437 9.89 28.82 19.54
N ALA A 438 9.06 28.00 20.17
CA ALA A 438 8.10 28.45 21.17
C ALA A 438 8.62 28.13 22.57
N GLY A 439 8.61 29.15 23.42
CA GLY A 439 9.08 29.03 24.80
C GLY A 439 8.06 28.46 25.76
N PRO A 440 8.01 28.99 27.01
CA PRO A 440 7.29 28.29 28.08
C PRO A 440 5.76 28.33 27.95
N ARG A 441 5.24 29.53 27.67
CA ARG A 441 3.82 29.89 27.78
C ARG A 441 2.95 29.48 26.61
N GLN A 442 3.51 29.60 25.39
CA GLN A 442 2.86 29.18 24.15
C GLN A 442 2.49 27.74 24.29
N ARG A 443 3.50 26.98 24.69
CA ARG A 443 3.38 25.57 24.79
C ARG A 443 2.49 25.25 25.98
N ALA A 444 2.62 26.01 27.07
CA ALA A 444 1.87 25.75 28.30
C ALA A 444 0.38 25.50 28.04
N GLU A 445 -0.25 26.40 27.28
CA GLU A 445 -1.68 26.31 26.98
C GLU A 445 -2.01 25.07 26.14
N ALA A 446 -1.30 24.91 25.02
CA ALA A 446 -1.41 23.70 24.19
C ALA A 446 -1.11 22.40 24.96
N ALA A 447 -0.08 22.41 25.79
CA ALA A 447 0.28 21.23 26.58
C ALA A 447 -0.82 20.83 27.57
N ALA A 448 -1.46 21.83 28.18
CA ALA A 448 -2.58 21.58 29.08
C ALA A 448 -3.76 20.98 28.33
N ARG A 449 -4.06 21.52 27.15
CA ARG A 449 -5.17 21.00 26.34
C ARG A 449 -4.86 19.57 25.88
N ARG A 450 -3.60 19.30 25.59
CA ARG A 450 -3.13 17.97 25.17
C ARG A 450 -3.29 16.95 26.29
N ARG A 451 -2.83 17.33 27.49
CA ARG A 451 -3.03 16.46 28.66
C ARG A 451 -4.50 16.21 28.92
N ASP A 452 -5.34 17.25 28.80
CA ASP A 452 -6.78 17.10 28.98
C ASP A 452 -7.39 16.12 27.97
N ALA A 453 -6.92 16.18 26.73
CA ALA A 453 -7.40 15.28 25.69
C ALA A 453 -6.99 13.83 25.95
N ALA A 454 -5.79 13.66 26.50
CA ALA A 454 -5.22 12.32 26.73
C ALA A 454 -5.81 11.64 27.96
N ARG A 455 -6.14 12.44 28.98
CA ARG A 455 -6.48 11.92 30.33
C ARG A 455 -7.58 10.85 30.42
N PRO A 456 -8.71 11.03 29.69
CA PRO A 456 -9.83 10.09 29.86
C PRO A 456 -9.58 8.68 29.32
N TRP A 457 -8.55 8.52 28.50
CA TRP A 457 -8.41 7.30 27.70
C TRP A 457 -7.59 6.24 28.44
N THR A 458 -8.13 5.82 29.58
CA THR A 458 -7.44 4.88 30.46
C THR A 458 -7.66 3.43 30.06
N LEU A 459 -6.82 2.54 30.61
CA LEU A 459 -6.99 1.12 30.43
C LEU A 459 -8.33 0.61 30.97
N GLU A 460 -8.72 1.02 32.17
CA GLU A 460 -9.99 0.56 32.73
C GLU A 460 -11.19 1.04 31.91
N ALA A 461 -11.13 2.26 31.38
CA ALA A 461 -12.19 2.76 30.48
C ALA A 461 -12.31 1.89 29.22
N TRP A 462 -11.17 1.48 28.69
CA TRP A 462 -11.10 0.66 27.46
C TRP A 462 -11.65 -0.74 27.70
N VAL A 463 -11.35 -1.31 28.86
CA VAL A 463 -11.91 -2.61 29.25
C VAL A 463 -13.43 -2.47 29.36
N GLN A 464 -13.90 -1.38 29.98
CA GLN A 464 -15.35 -1.15 30.06
C GLN A 464 -15.98 -1.02 28.67
N ALA A 465 -15.27 -0.36 27.75
CA ALA A 465 -15.77 -0.23 26.37
C ALA A 465 -15.89 -1.59 25.71
N GLN A 466 -14.94 -2.49 26.00
CA GLN A 466 -15.00 -3.85 25.46
C GLN A 466 -16.25 -4.57 25.91
N LEU A 467 -16.50 -4.53 27.22
CA LEU A 467 -17.65 -5.20 27.80
C LEU A 467 -18.97 -4.58 27.35
N ASP A 468 -19.06 -3.26 27.32
CA ASP A 468 -20.28 -2.56 26.93
C ASP A 468 -20.62 -2.83 25.47
N GLY A 469 -19.60 -2.77 24.63
CA GLY A 469 -19.77 -2.98 23.18
C GLY A 469 -20.20 -4.40 22.91
N LEU A 470 -19.49 -5.34 23.52
CA LEU A 470 -19.79 -6.75 23.35
C LEU A 470 -21.19 -7.09 23.84
N ALA A 471 -21.58 -6.54 24.99
CA ALA A 471 -22.92 -6.82 25.53
C ALA A 471 -24.03 -6.37 24.59
N ALA A 472 -23.90 -5.17 24.03
CA ALA A 472 -24.92 -4.63 23.13
C ALA A 472 -24.98 -5.45 21.85
N ASP A 473 -23.80 -5.78 21.31
CA ASP A 473 -23.71 -6.56 20.07
C ASP A 473 -24.27 -7.98 20.26
N HIS A 474 -23.96 -8.59 21.40
CA HIS A 474 -24.51 -9.93 21.74
C HIS A 474 -26.04 -9.91 21.82
N ALA A 475 -26.59 -8.88 22.46
CA ALA A 475 -28.04 -8.78 22.56
C ALA A 475 -28.69 -8.54 21.20
N ALA A 476 -27.95 -7.91 20.28
CA ALA A 476 -28.43 -7.72 18.90
C ALA A 476 -28.35 -9.00 18.08
N ARG A 477 -27.44 -9.90 18.47
CA ARG A 477 -27.26 -11.16 17.76
C ARG A 477 -27.73 -12.34 18.62
N GLY B 2 -22.08 20.73 -32.55
CA GLY B 2 -21.76 22.19 -32.62
C GLY B 2 -20.56 22.56 -31.75
N SER B 3 -19.84 21.54 -31.29
CA SER B 3 -18.65 21.73 -30.45
C SER B 3 -17.39 21.27 -31.14
N GLU B 4 -16.28 21.94 -30.83
CA GLU B 4 -14.96 21.52 -31.29
C GLU B 4 -14.28 20.76 -30.13
N ILE B 5 -13.68 19.61 -30.44
CA ILE B 5 -13.06 18.76 -29.42
C ILE B 5 -11.54 18.92 -29.43
N PHE B 6 -10.97 19.11 -28.25
CA PHE B 6 -9.54 19.28 -28.07
C PHE B 6 -9.00 18.17 -27.21
N LEU B 7 -8.00 17.49 -27.72
CA LEU B 7 -7.50 16.27 -27.13
C LEU B 7 -6.03 16.44 -26.84
N ALA B 8 -5.65 16.22 -25.58
CA ALA B 8 -4.27 16.43 -25.17
C ALA B 8 -3.74 15.33 -24.28
N SER B 9 -2.46 15.02 -24.46
CA SER B 9 -1.73 14.19 -23.51
C SER B 9 -0.27 14.62 -23.55
N LYS B 10 0.53 14.25 -22.55
CA LYS B 10 1.91 14.79 -22.52
C LYS B 10 2.88 14.10 -23.46
N ARG B 11 2.96 12.77 -23.36
CA ARG B 11 4.03 12.02 -23.99
C ARG B 11 3.76 11.71 -25.45
N ALA B 12 4.70 12.06 -26.32
CA ALA B 12 4.60 11.68 -27.72
C ALA B 12 5.98 11.25 -28.22
N ALA B 13 6.18 9.94 -28.35
CA ALA B 13 7.48 9.39 -28.71
C ALA B 13 7.63 9.37 -30.22
N ILE B 14 8.02 10.52 -30.76
CA ILE B 14 8.01 10.73 -32.22
C ILE B 14 9.43 10.69 -32.78
N THR B 15 9.63 9.89 -33.82
CA THR B 15 10.88 9.78 -34.58
C THR B 15 10.68 10.53 -35.89
N TYR B 16 11.78 11.08 -36.40
CA TYR B 16 11.76 11.79 -37.66
C TYR B 16 12.74 11.08 -38.63
N ASP B 17 12.22 10.70 -39.79
CA ASP B 17 13.00 9.95 -40.79
C ASP B 17 12.43 10.21 -42.19
N THR B 18 12.94 9.51 -43.19
CA THR B 18 12.38 9.62 -44.55
C THR B 18 11.31 8.54 -44.76
N ASP B 19 10.14 8.95 -45.26
CA ASP B 19 9.06 8.04 -45.61
C ASP B 19 9.47 7.34 -46.90
N PRO B 20 9.58 6.00 -46.88
CA PRO B 20 9.88 5.31 -48.15
C PRO B 20 8.78 5.45 -49.20
N ALA B 21 7.55 5.71 -48.78
CA ALA B 21 6.44 5.80 -49.73
C ALA B 21 6.49 7.08 -50.57
N THR B 22 7.02 8.16 -49.99
CA THR B 22 6.96 9.49 -50.59
C THR B 22 8.35 10.13 -50.75
N GLY B 23 9.34 9.62 -50.04
CA GLY B 23 10.67 10.23 -50.03
C GLY B 23 10.72 11.56 -49.30
N GLU B 24 9.62 11.89 -48.61
CA GLU B 24 9.51 13.14 -47.85
C GLU B 24 9.82 12.85 -46.38
N PRO B 25 10.30 13.87 -45.63
CA PRO B 25 10.50 13.75 -44.19
C PRO B 25 9.22 13.29 -43.51
N ARG B 26 9.33 12.32 -42.60
CA ARG B 26 8.18 11.67 -41.97
C ARG B 26 8.28 11.72 -40.45
N ALA B 27 7.15 11.98 -39.79
CA ALA B 27 7.04 11.77 -38.34
C ALA B 27 6.29 10.49 -38.03
N TRP B 28 6.88 9.62 -37.22
CA TRP B 28 6.17 8.43 -36.82
C TRP B 28 6.26 8.15 -35.32
N LEU B 29 5.20 7.55 -34.81
CA LEU B 29 5.03 7.38 -33.39
C LEU B 29 5.48 6.01 -32.99
N ALA B 30 6.35 5.95 -31.98
CA ALA B 30 6.72 4.68 -31.36
C ALA B 30 5.46 3.92 -30.93
N PRO B 31 5.47 2.58 -31.07
CA PRO B 31 4.30 1.79 -30.70
C PRO B 31 4.10 1.72 -29.19
N GLY B 32 2.85 1.50 -28.77
CA GLY B 32 2.53 1.29 -27.36
C GLY B 32 2.62 2.54 -26.49
N GLY B 33 2.29 2.37 -25.22
CA GLY B 33 2.21 3.47 -24.30
C GLY B 33 0.93 4.26 -24.52
N THR B 34 0.69 5.22 -23.64
CA THR B 34 -0.50 6.07 -23.69
C THR B 34 -0.57 6.83 -25.02
N GLY B 35 0.60 7.27 -25.51
CA GLY B 35 0.71 8.04 -26.76
C GLY B 35 0.02 7.37 -27.93
N ASN B 36 0.28 6.07 -28.09
CA ASN B 36 -0.35 5.34 -29.19
C ASN B 36 -1.87 5.29 -29.08
N VAL B 37 -2.38 5.15 -27.85
CA VAL B 37 -3.81 5.11 -27.60
C VAL B 37 -4.46 6.46 -27.91
N VAL B 38 -3.85 7.53 -27.40
CA VAL B 38 -4.37 8.88 -27.61
C VAL B 38 -4.32 9.29 -29.07
N ALA B 39 -3.22 8.96 -29.73
CA ALA B 39 -3.09 9.22 -31.17
C ALA B 39 -4.18 8.51 -31.97
N GLU B 40 -4.46 7.25 -31.65
CA GLU B 40 -5.56 6.53 -32.32
C GLU B 40 -6.91 7.18 -32.07
N GLN B 41 -7.15 7.65 -30.84
CA GLN B 41 -8.36 8.43 -30.53
C GLN B 41 -8.43 9.71 -31.37
N ALA B 42 -7.31 10.39 -31.56
CA ALA B 42 -7.28 11.58 -32.42
C ALA B 42 -7.78 11.21 -33.81
N GLY B 43 -7.33 10.06 -34.31
CA GLY B 43 -7.74 9.53 -35.60
C GLY B 43 -9.21 9.17 -35.69
N VAL B 44 -9.73 8.49 -34.67
CA VAL B 44 -11.16 8.14 -34.59
C VAL B 44 -12.03 9.41 -34.64
N LEU B 45 -11.59 10.44 -33.93
CA LEU B 45 -12.34 11.69 -33.81
C LEU B 45 -12.09 12.71 -34.92
N ASN B 46 -11.08 12.44 -35.76
CA ASN B 46 -10.65 13.38 -36.81
C ASN B 46 -10.28 14.74 -36.23
N ILE B 47 -9.49 14.72 -35.15
CA ILE B 47 -9.03 15.96 -34.53
C ILE B 47 -7.53 15.88 -34.33
N SER B 48 -6.90 17.03 -34.08
CA SER B 48 -5.47 17.08 -33.79
C SER B 48 -5.17 16.55 -32.40
N TRP B 49 -3.95 16.09 -32.22
CA TRP B 49 -3.46 15.66 -30.91
C TRP B 49 -2.50 16.71 -30.38
N ILE B 50 -2.83 17.26 -29.21
CA ILE B 50 -1.95 18.23 -28.57
C ILE B 50 -1.06 17.46 -27.61
N ALA B 51 0.26 17.63 -27.75
CA ALA B 51 1.22 16.94 -26.87
C ALA B 51 2.49 17.78 -26.71
N SER B 52 3.43 17.33 -25.86
CA SER B 52 4.63 18.11 -25.56
C SER B 52 5.80 17.87 -26.52
N ALA B 53 6.39 18.96 -27.02
CA ALA B 53 7.70 18.89 -27.67
C ALA B 53 8.72 18.79 -26.55
N ASP B 54 9.63 17.83 -26.64
CA ASP B 54 10.61 17.61 -25.58
C ASP B 54 12.04 17.52 -26.12
N SER B 55 12.25 18.02 -27.33
CA SER B 55 13.56 17.99 -27.97
C SER B 55 13.66 19.11 -28.98
N GLU B 56 14.88 19.46 -29.36
CA GLU B 56 15.09 20.44 -30.42
C GLU B 56 14.39 20.03 -31.72
N ASP B 57 14.47 18.74 -32.05
CA ASP B 57 13.81 18.19 -33.25
C ASP B 57 12.31 18.45 -33.24
N ASP B 58 11.68 18.23 -32.09
CA ASP B 58 10.24 18.45 -31.93
C ASP B 58 9.90 19.92 -32.12
N ARG B 59 10.69 20.78 -31.48
CA ARG B 59 10.48 22.22 -31.56
C ARG B 59 10.62 22.69 -33.01
N ARG B 60 11.65 22.19 -33.69
CA ARG B 60 11.93 22.51 -35.09
C ARG B 60 10.78 22.09 -36.01
N ALA B 61 10.31 20.86 -35.83
CA ALA B 61 9.19 20.32 -36.60
C ALA B 61 7.92 21.11 -36.36
N SER B 62 7.68 21.49 -35.11
CA SER B 62 6.50 22.24 -34.71
C SER B 62 6.53 23.67 -35.25
N ALA B 63 7.70 24.30 -35.22
CA ALA B 63 7.87 25.67 -35.72
C ALA B 63 7.69 25.78 -37.24
N LEU B 64 8.06 24.73 -37.97
CA LEU B 64 7.91 24.69 -39.42
C LEU B 64 6.48 24.33 -39.84
N ASN B 65 5.77 23.65 -38.94
CA ASN B 65 4.40 23.19 -39.19
C ASN B 65 3.47 23.61 -38.05
N PRO B 66 3.17 24.92 -37.92
CA PRO B 66 2.38 25.37 -36.77
C PRO B 66 0.94 24.86 -36.80
N ASP B 67 0.46 24.52 -37.99
CA ASP B 67 -0.85 23.87 -38.18
C ASP B 67 -0.82 22.41 -37.69
N GLY B 68 0.39 21.89 -37.49
CA GLY B 68 0.57 20.53 -36.98
C GLY B 68 1.42 19.67 -37.89
N VAL B 69 2.03 18.64 -37.31
CA VAL B 69 2.82 17.68 -38.06
C VAL B 69 1.94 16.50 -38.43
N THR B 70 1.97 16.12 -39.71
CA THR B 70 1.32 14.90 -40.18
C THR B 70 2.11 13.71 -39.66
N MET B 71 1.45 12.86 -38.89
CA MET B 71 2.15 11.78 -38.19
C MET B 71 1.58 10.44 -38.56
N GLU B 72 2.48 9.47 -38.71
CA GLU B 72 2.13 8.12 -39.11
C GLU B 72 2.04 7.19 -37.90
N LEU B 73 0.89 6.54 -37.76
CA LEU B 73 0.65 5.58 -36.68
C LEU B 73 1.15 4.21 -37.12
N HIS B 74 1.35 3.29 -36.17
CA HIS B 74 1.65 1.89 -36.52
C HIS B 74 0.53 1.29 -37.36
N SER B 75 -0.70 1.69 -37.07
CA SER B 75 -1.88 1.24 -37.81
C SER B 75 -1.95 1.89 -39.19
N GLY B 76 -0.87 2.56 -39.58
CA GLY B 76 -0.77 3.22 -40.89
C GLY B 76 -1.54 4.53 -40.97
N ARG B 77 -2.48 4.70 -40.05
CA ARG B 77 -3.41 5.84 -40.06
C ARG B 77 -2.68 7.17 -39.83
N GLU B 78 -3.34 8.26 -40.19
CA GLU B 78 -2.71 9.59 -40.11
C GLU B 78 -3.53 10.68 -39.43
N ILE B 79 -2.84 11.45 -38.61
CA ILE B 79 -3.43 12.53 -37.83
C ILE B 79 -2.48 13.73 -37.87
N LEU B 80 -2.96 14.87 -37.36
CA LEU B 80 -2.08 16.01 -37.12
C LEU B 80 -1.70 16.03 -35.65
N VAL B 81 -0.41 16.18 -35.38
CA VAL B 81 0.07 16.33 -34.02
C VAL B 81 0.59 17.75 -33.82
N ARG B 82 0.09 18.40 -32.79
CA ARG B 82 0.51 19.75 -32.47
C ARG B 82 1.33 19.75 -31.18
N LEU B 83 2.65 19.83 -31.35
CA LEU B 83 3.57 19.75 -30.23
C LEU B 83 3.81 21.12 -29.63
N ILE B 84 3.55 21.23 -28.32
CA ILE B 84 3.72 22.49 -27.58
C ILE B 84 5.21 22.77 -27.38
N ARG B 85 5.64 23.93 -27.83
CA ARG B 85 7.06 24.28 -27.79
C ARG B 85 7.43 24.92 -26.46
N HIS B 86 7.35 24.13 -25.39
CA HIS B 86 7.74 24.56 -24.05
C HIS B 86 9.12 25.20 -24.12
N ASP B 87 9.25 26.39 -23.56
CA ASP B 87 10.50 27.15 -23.68
C ASP B 87 11.67 26.35 -23.12
N PRO B 88 12.67 26.06 -23.97
CA PRO B 88 13.81 25.20 -23.60
C PRO B 88 14.71 25.79 -22.51
N ALA B 89 14.73 27.11 -22.38
CA ALA B 89 15.50 27.78 -21.32
C ALA B 89 14.79 27.72 -19.97
N VAL B 90 13.47 27.68 -19.98
CA VAL B 90 12.68 27.60 -18.75
C VAL B 90 12.39 26.14 -18.39
N PHE B 91 11.93 25.37 -19.39
CA PHE B 91 11.68 23.95 -19.22
C PHE B 91 12.81 23.20 -19.92
N ARG B 92 13.89 23.00 -19.18
CA ARG B 92 15.14 22.47 -19.73
C ARG B 92 15.01 21.00 -20.07
N ASN B 93 14.22 20.31 -19.25
CA ASN B 93 14.03 18.87 -19.41
C ASN B 93 12.55 18.58 -19.22
N VAL B 94 11.83 18.51 -20.34
CA VAL B 94 10.41 18.21 -20.35
C VAL B 94 10.16 16.71 -20.24
N GLN B 95 11.11 15.92 -20.76
CA GLN B 95 11.00 14.46 -20.78
C GLN B 95 10.67 13.86 -19.42
N ASN B 96 11.29 14.41 -18.38
CA ASN B 96 11.22 13.84 -17.06
C ASN B 96 10.82 14.90 -16.04
N PHE B 97 9.55 14.88 -15.63
CA PHE B 97 9.12 15.77 -14.57
C PHE B 97 9.01 15.03 -13.26
N MET B 98 9.66 15.57 -12.23
CA MET B 98 9.80 14.90 -10.94
C MET B 98 8.47 14.57 -10.28
N THR B 99 7.55 15.54 -10.25
CA THR B 99 6.26 15.31 -9.60
C THR B 99 5.51 14.15 -10.28
N ALA B 100 5.55 14.11 -11.60
CA ALA B 100 4.90 13.04 -12.34
C ALA B 100 5.55 11.69 -11.99
N ASN B 101 6.87 11.68 -11.83
CA ASN B 101 7.57 10.44 -11.46
C ASN B 101 7.20 9.98 -10.06
N LEU B 102 6.97 10.92 -9.16
CA LEU B 102 6.52 10.57 -7.81
C LEU B 102 5.11 9.99 -7.89
N MET B 103 4.26 10.58 -8.73
CA MET B 103 2.90 10.08 -8.87
C MET B 103 2.93 8.69 -9.49
N TRP B 104 3.84 8.45 -10.44
CA TRP B 104 3.98 7.09 -11.01
C TRP B 104 4.26 6.06 -9.91
N ALA B 105 5.25 6.33 -9.06
CA ALA B 105 5.61 5.42 -7.99
C ALA B 105 4.46 5.26 -6.98
N ALA B 106 3.80 6.37 -6.64
CA ALA B 106 2.68 6.30 -5.69
C ALA B 106 1.54 5.45 -6.26
N ASN B 107 1.13 5.76 -7.49
CA ASN B 107 -0.06 5.14 -8.07
C ASN B 107 0.13 3.70 -8.50
N ASN B 108 1.38 3.30 -8.70
CA ASN B 108 1.71 1.92 -9.01
C ASN B 108 2.30 1.14 -7.84
N TYR B 109 2.22 1.75 -6.65
CA TYR B 109 2.49 1.07 -5.36
C TYR B 109 3.94 0.66 -5.12
N GLY B 110 4.90 1.42 -5.62
CA GLY B 110 6.29 0.96 -5.58
C GLY B 110 7.10 1.17 -4.31
N TRP B 111 6.52 1.80 -3.30
CA TRP B 111 7.24 2.08 -2.05
C TRP B 111 6.87 1.12 -0.90
N ASP B 112 7.87 0.76 -0.10
CA ASP B 112 7.62 -0.12 1.06
C ASP B 112 7.20 0.59 2.36
N ARG B 113 7.28 1.92 2.38
CA ARG B 113 6.93 2.76 3.53
C ARG B 113 7.95 2.66 4.68
N TRP B 114 8.37 1.44 5.04
CA TRP B 114 9.38 1.29 6.12
C TRP B 114 10.69 1.98 5.78
N THR B 115 11.12 1.87 4.52
CA THR B 115 12.43 2.44 4.15
C THR B 115 12.39 3.54 3.09
N GLN B 116 11.33 3.56 2.28
CA GLN B 116 11.12 4.55 1.21
C GLN B 116 9.63 4.89 1.19
N PRO B 117 9.28 6.11 0.78
CA PRO B 117 10.16 7.22 0.38
C PRO B 117 10.49 8.13 1.57
N SER B 118 11.36 9.11 1.34
CA SER B 118 11.67 10.14 2.32
C SER B 118 11.79 11.42 1.55
N PHE B 119 10.73 12.23 1.62
CA PHE B 119 10.66 13.44 0.79
C PHE B 119 11.47 14.56 1.39
N GLY B 120 12.33 15.15 0.56
CA GLY B 120 13.15 16.28 0.96
C GLY B 120 12.78 17.54 0.20
N SER B 121 13.72 18.47 0.13
CA SER B 121 13.48 19.73 -0.58
C SER B 121 13.24 19.53 -2.08
N ASP B 122 13.79 18.46 -2.64
CA ASP B 122 13.59 18.10 -4.06
C ASP B 122 12.10 18.02 -4.40
N ALA B 123 11.31 17.47 -3.48
CA ALA B 123 9.86 17.33 -3.71
C ALA B 123 9.15 18.68 -3.77
N ARG B 124 9.63 19.63 -2.96
CA ARG B 124 9.08 21.00 -2.93
C ARG B 124 9.40 21.70 -4.26
N GLU B 125 10.65 21.57 -4.69
CA GLU B 125 11.11 22.18 -5.96
C GLU B 125 10.37 21.56 -7.13
N GLY B 126 10.20 20.24 -7.08
CA GLY B 126 9.50 19.51 -8.11
C GLY B 126 8.05 19.97 -8.23
N TRP B 127 7.40 20.18 -7.09
CA TRP B 127 6.01 20.65 -7.08
C TRP B 127 5.88 22.03 -7.71
N ALA B 128 6.84 22.93 -7.43
CA ALA B 128 6.85 24.25 -8.07
C ALA B 128 6.98 24.11 -9.59
N ASP B 129 7.89 23.25 -10.04
CA ASP B 129 8.08 22.97 -11.47
C ASP B 129 6.82 22.38 -12.09
N PHE B 130 6.18 21.44 -11.38
CA PHE B 130 4.88 20.87 -11.79
C PHE B 130 3.90 21.97 -12.14
N GLY B 131 3.76 22.93 -11.22
CA GLY B 131 2.87 24.08 -11.40
C GLY B 131 3.18 24.86 -12.67
N ARG B 132 4.46 25.11 -12.92
CA ARG B 132 4.88 25.85 -14.12
C ARG B 132 4.56 25.11 -15.39
N PHE B 133 4.85 23.81 -15.41
CA PHE B 133 4.57 22.97 -16.57
C PHE B 133 3.06 22.87 -16.81
N THR B 134 2.30 22.64 -15.74
CA THR B 134 0.84 22.53 -15.83
C THR B 134 0.26 23.80 -16.44
N ARG B 135 0.74 24.96 -15.98
CA ARG B 135 0.27 26.22 -16.51
C ARG B 135 0.63 26.39 -17.98
N ASP B 136 1.87 26.05 -18.33
CA ASP B 136 2.31 26.17 -19.71
C ASP B 136 1.46 25.29 -20.64
N PHE B 137 1.19 24.06 -20.20
CA PHE B 137 0.36 23.11 -20.96
C PHE B 137 -1.09 23.58 -21.09
N ALA B 138 -1.69 23.99 -19.97
CA ALA B 138 -3.06 24.50 -19.99
C ALA B 138 -3.19 25.71 -20.90
N ASP B 139 -2.21 26.61 -20.85
CA ASP B 139 -2.23 27.82 -21.70
C ASP B 139 -2.22 27.44 -23.17
N ALA B 140 -1.46 26.41 -23.51
CA ALA B 140 -1.37 25.96 -24.90
C ALA B 140 -2.70 25.40 -25.38
N ILE B 141 -3.40 24.68 -24.50
CA ILE B 141 -4.72 24.12 -24.81
C ILE B 141 -5.73 25.25 -24.99
N LEU B 142 -5.65 26.24 -24.12
CA LEU B 142 -6.53 27.41 -24.19
C LEU B 142 -6.26 28.24 -25.45
N LYS B 143 -4.99 28.35 -25.83
CA LYS B 143 -4.64 29.06 -27.08
C LYS B 143 -5.17 28.29 -28.30
N SER B 144 -4.99 26.97 -28.28
CA SER B 144 -5.50 26.10 -29.35
C SER B 144 -7.01 26.22 -29.57
N SER B 145 -7.73 26.50 -28.49
CA SER B 145 -9.20 26.57 -28.51
C SER B 145 -9.77 27.99 -28.51
N ALA B 146 -8.91 28.96 -28.79
CA ALA B 146 -9.29 30.38 -28.78
C ALA B 146 -10.38 30.74 -29.78
N GLN B 147 -10.45 30.01 -30.88
CA GLN B 147 -11.50 30.27 -31.88
C GLN B 147 -12.75 29.40 -31.68
N SER B 148 -12.82 28.73 -30.53
CA SER B 148 -13.96 27.87 -30.24
C SER B 148 -14.84 28.50 -29.18
N ALA B 149 -16.12 28.70 -29.51
CA ALA B 149 -17.10 29.21 -28.56
C ALA B 149 -17.57 28.13 -27.60
N ASP B 150 -17.53 26.87 -28.04
CA ASP B 150 -18.03 25.73 -27.26
C ASP B 150 -17.05 24.57 -27.23
N PRO B 151 -15.87 24.78 -26.63
CA PRO B 151 -14.87 23.71 -26.66
C PRO B 151 -15.20 22.56 -25.74
N VAL B 152 -14.77 21.36 -26.13
CA VAL B 152 -14.85 20.19 -25.29
C VAL B 152 -13.40 19.73 -25.08
N TYR B 153 -13.00 19.58 -23.83
CA TYR B 153 -11.61 19.25 -23.53
C TYR B 153 -11.48 17.82 -23.05
N LEU B 154 -10.65 17.03 -23.75
CA LEU B 154 -10.35 15.67 -23.36
C LEU B 154 -8.87 15.60 -22.99
N VAL B 155 -8.63 15.56 -21.68
CA VAL B 155 -7.28 15.64 -21.12
C VAL B 155 -6.88 14.25 -20.66
N HIS B 156 -5.80 13.72 -21.24
CA HIS B 156 -5.39 12.33 -20.99
C HIS B 156 -4.09 12.15 -20.22
N ASP B 157 -4.25 11.40 -19.13
CA ASP B 157 -3.21 10.78 -18.30
C ASP B 157 -2.66 11.64 -17.16
N TYR B 158 -1.96 10.95 -16.27
CA TYR B 158 -1.64 11.48 -14.95
C TYR B 158 -0.75 12.72 -14.93
N GLN B 159 0.06 12.92 -15.97
CA GLN B 159 0.94 14.09 -16.00
C GLN B 159 0.13 15.38 -16.06
N LEU B 160 -1.11 15.27 -16.51
CA LEU B 160 -1.94 16.44 -16.74
C LEU B 160 -3.02 16.63 -15.66
N VAL B 161 -2.83 16.00 -14.50
CA VAL B 161 -3.83 16.10 -13.42
C VAL B 161 -4.09 17.52 -12.94
N GLY B 162 -3.11 18.41 -13.10
CA GLY B 162 -3.30 19.81 -12.73
C GLY B 162 -4.10 20.63 -13.73
N VAL B 163 -4.24 20.13 -14.95
CA VAL B 163 -4.84 20.89 -16.07
C VAL B 163 -6.34 21.25 -15.91
N PRO B 164 -7.19 20.30 -15.47
CA PRO B 164 -8.65 20.67 -15.41
C PRO B 164 -8.97 21.93 -14.60
N ALA B 165 -8.32 22.11 -13.45
CA ALA B 165 -8.56 23.31 -12.66
C ALA B 165 -8.30 24.59 -13.47
N LEU B 166 -7.22 24.58 -14.25
CA LEU B 166 -6.82 25.76 -15.00
C LEU B 166 -7.75 26.02 -16.18
N LEU B 167 -8.19 24.94 -16.83
CA LEU B 167 -9.16 25.08 -17.90
C LEU B 167 -10.48 25.57 -17.34
N ARG B 168 -10.91 25.01 -16.20
CA ARG B 168 -12.20 25.41 -15.61
C ARG B 168 -12.21 26.89 -15.25
N GLU B 169 -11.08 27.40 -14.76
CA GLU B 169 -10.98 28.82 -14.39
C GLU B 169 -11.26 29.75 -15.58
N GLN B 170 -10.78 29.36 -16.76
CA GLN B 170 -10.92 30.19 -17.96
C GLN B 170 -12.16 29.86 -18.79
N ARG B 171 -12.68 28.64 -18.62
CA ARG B 171 -13.81 28.14 -19.41
C ARG B 171 -14.79 27.46 -18.46
N PRO B 172 -15.49 28.27 -17.65
CA PRO B 172 -16.29 27.69 -16.58
C PRO B 172 -17.38 26.73 -17.06
N ASP B 173 -17.85 26.88 -18.29
CA ASP B 173 -18.98 26.07 -18.79
C ASP B 173 -18.58 24.91 -19.73
N ALA B 174 -17.28 24.72 -19.92
CA ALA B 174 -16.82 23.71 -20.88
C ALA B 174 -16.86 22.29 -20.31
N PRO B 175 -17.31 21.31 -21.12
CA PRO B 175 -17.14 19.92 -20.71
C PRO B 175 -15.66 19.59 -20.66
N ILE B 176 -15.21 19.05 -19.53
CA ILE B 176 -13.81 18.67 -19.36
C ILE B 176 -13.75 17.26 -18.84
N LEU B 177 -13.14 16.36 -19.61
CA LEU B 177 -12.86 15.00 -19.15
C LEU B 177 -11.40 14.93 -18.81
N LEU B 178 -11.09 14.39 -17.64
CA LEU B 178 -9.72 13.97 -17.36
C LEU B 178 -9.73 12.45 -17.32
N PHE B 179 -8.95 11.80 -18.19
CA PHE B 179 -8.89 10.35 -18.19
C PHE B 179 -7.51 9.87 -17.77
N VAL B 180 -7.47 9.13 -16.67
CA VAL B 180 -6.21 8.65 -16.10
C VAL B 180 -5.98 7.21 -16.53
N HIS B 181 -4.80 6.92 -17.11
CA HIS B 181 -4.48 5.60 -17.67
C HIS B 181 -3.79 4.66 -16.70
N ILE B 182 -3.51 5.15 -15.50
CA ILE B 182 -2.80 4.37 -14.49
C ILE B 182 -3.76 4.09 -13.33
N PRO B 183 -3.33 3.27 -12.36
CA PRO B 183 -4.21 3.01 -11.22
C PRO B 183 -4.39 4.25 -10.36
N TRP B 184 -5.37 4.22 -9.46
CA TRP B 184 -5.37 5.13 -8.33
C TRP B 184 -5.22 4.30 -7.07
N PRO B 185 -4.29 4.69 -6.19
CA PRO B 185 -3.98 3.86 -5.04
C PRO B 185 -4.94 4.07 -3.87
N SER B 186 -5.00 3.10 -2.97
CA SER B 186 -5.80 3.21 -1.76
C SER B 186 -5.51 4.53 -1.06
N ALA B 187 -6.50 5.04 -0.31
CA ALA B 187 -6.34 6.32 0.40
C ALA B 187 -5.09 6.36 1.27
N ASP B 188 -4.81 5.28 2.03
CA ASP B 188 -3.67 5.26 2.97
C ASP B 188 -2.37 5.40 2.19
N TYR B 189 -2.40 4.93 0.96
CA TYR B 189 -1.19 4.91 0.15
C TYR B 189 -1.01 6.25 -0.55
N TRP B 190 -2.10 6.77 -1.11
CA TRP B 190 -2.05 8.12 -1.71
C TRP B 190 -1.46 9.16 -0.74
N ARG B 191 -1.85 9.07 0.53
CA ARG B 191 -1.43 10.10 1.48
C ARG B 191 0.03 9.95 1.94
N ILE B 192 0.75 8.97 1.39
CA ILE B 192 2.22 8.97 1.55
C ILE B 192 2.81 10.26 0.99
N LEU B 193 2.24 10.78 -0.09
CA LEU B 193 2.80 11.96 -0.76
C LEU B 193 2.78 13.18 0.15
N PRO B 194 3.72 14.12 -0.04
CA PRO B 194 3.71 15.32 0.79
C PRO B 194 2.36 16.02 0.77
N LYS B 195 2.02 16.64 1.89
CA LYS B 195 0.75 17.38 2.00
C LYS B 195 0.42 18.27 0.81
N GLU B 196 1.37 19.09 0.36
CA GLU B 196 1.02 20.02 -0.75
C GLU B 196 0.72 19.30 -2.08
N ILE B 197 1.33 18.14 -2.28
CA ILE B 197 1.15 17.36 -3.50
C ILE B 197 -0.14 16.51 -3.43
N ARG B 198 -0.30 15.75 -2.33
CA ARG B 198 -1.48 14.88 -2.13
C ARG B 198 -2.79 15.68 -2.23
N THR B 199 -2.79 16.91 -1.74
CA THR B 199 -3.99 17.75 -1.81
C THR B 199 -4.01 18.54 -3.12
N GLY B 200 -2.85 19.08 -3.51
CA GLY B 200 -2.75 19.90 -4.72
C GLY B 200 -3.21 19.17 -5.98
N ILE B 201 -2.81 17.91 -6.10
CA ILE B 201 -3.25 17.09 -7.25
C ILE B 201 -4.77 16.95 -7.27
N LEU B 202 -5.39 16.66 -6.13
CA LEU B 202 -6.84 16.53 -6.05
C LEU B 202 -7.53 17.84 -6.43
N HIS B 203 -6.99 18.96 -5.94
CA HIS B 203 -7.51 20.28 -6.31
C HIS B 203 -7.44 20.53 -7.83
N GLY B 204 -6.42 19.96 -8.48
CA GLY B 204 -6.22 20.11 -9.92
C GLY B 204 -7.23 19.29 -10.73
N MET B 205 -7.60 18.13 -10.20
CA MET B 205 -8.47 17.16 -10.90
C MET B 205 -9.96 17.44 -10.73
N LEU B 206 -10.38 17.79 -9.54
CA LEU B 206 -11.81 17.88 -9.23
C LEU B 206 -12.65 18.86 -10.09
N PRO B 207 -12.05 19.94 -10.59
CA PRO B 207 -12.84 20.82 -11.47
C PRO B 207 -13.24 20.20 -12.81
N ALA B 208 -12.68 19.04 -13.18
CA ALA B 208 -13.18 18.27 -14.34
C ALA B 208 -14.67 17.96 -14.22
N THR B 209 -15.36 17.95 -15.35
CA THR B 209 -16.75 17.47 -15.40
C THR B 209 -16.78 15.98 -15.01
N THR B 210 -15.87 15.22 -15.64
CA THR B 210 -15.80 13.78 -15.49
C THR B 210 -14.34 13.39 -15.30
N ILE B 211 -14.09 12.51 -14.34
CA ILE B 211 -12.79 11.86 -14.20
C ILE B 211 -12.99 10.39 -14.52
N GLY B 212 -12.23 9.90 -15.50
CA GLY B 212 -12.34 8.50 -15.91
C GLY B 212 -11.09 7.71 -15.56
N PHE B 213 -11.31 6.43 -15.22
CA PHE B 213 -10.24 5.45 -15.03
C PHE B 213 -10.61 4.18 -15.79
N PHE B 214 -9.64 3.28 -15.97
CA PHE B 214 -9.91 2.02 -16.69
C PHE B 214 -10.66 0.96 -15.86
N ALA B 215 -10.70 1.13 -14.54
CA ALA B 215 -11.26 0.11 -13.64
C ALA B 215 -12.05 0.73 -12.50
N ASP B 216 -13.06 -0.01 -12.05
CA ASP B 216 -13.84 0.37 -10.90
C ASP B 216 -12.98 0.60 -9.65
N ARG B 217 -11.99 -0.27 -9.45
CA ARG B 217 -11.17 -0.19 -8.23
C ARG B 217 -10.48 1.16 -8.15
N TRP B 218 -10.06 1.69 -9.29
CA TRP B 218 -9.35 2.97 -9.30
C TRP B 218 -10.31 4.10 -8.96
N CYS B 219 -11.52 4.05 -9.51
CA CYS B 219 -12.51 5.06 -9.15
C CYS B 219 -12.79 5.03 -7.64
N ARG B 220 -12.98 3.83 -7.08
CA ARG B 220 -13.25 3.70 -5.63
C ARG B 220 -12.10 4.28 -4.82
N ASN B 221 -10.87 3.94 -5.19
CA ASN B 221 -9.73 4.44 -4.43
C ASN B 221 -9.60 5.95 -4.54
N PHE B 222 -9.94 6.50 -5.71
CA PHE B 222 -9.90 7.94 -5.90
C PHE B 222 -10.90 8.60 -4.94
N LEU B 223 -12.13 8.10 -4.90
CA LEU B 223 -13.14 8.69 -4.04
C LEU B 223 -12.73 8.64 -2.57
N GLU B 224 -12.12 7.52 -2.18
CA GLU B 224 -11.69 7.37 -0.80
C GLU B 224 -10.58 8.36 -0.46
N SER B 225 -9.70 8.61 -1.42
CA SER B 225 -8.62 9.57 -1.25
C SER B 225 -9.18 10.98 -1.02
N VAL B 226 -10.18 11.35 -1.83
CA VAL B 226 -10.83 12.65 -1.69
C VAL B 226 -11.49 12.76 -0.31
N ALA B 227 -12.21 11.72 0.09
CA ALA B 227 -12.92 11.74 1.37
C ALA B 227 -11.95 11.89 2.53
N ASP B 228 -10.80 11.24 2.39
CA ASP B 228 -9.77 11.23 3.41
C ASP B 228 -9.10 12.60 3.58
N LEU B 229 -8.86 13.30 2.48
CA LEU B 229 -7.97 14.45 2.52
C LEU B 229 -8.65 15.82 2.42
N LEU B 230 -9.84 15.88 1.85
CA LEU B 230 -10.53 17.15 1.62
C LEU B 230 -11.73 17.28 2.51
N PRO B 231 -11.59 17.98 3.65
CA PRO B 231 -12.68 18.01 4.63
C PRO B 231 -13.90 18.73 4.04
N ASP B 232 -13.63 19.61 3.07
CA ASP B 232 -14.62 20.35 2.33
C ASP B 232 -15.45 19.52 1.32
N ALA B 233 -14.94 18.34 0.96
CA ALA B 233 -15.57 17.53 -0.09
C ALA B 233 -16.63 16.59 0.48
N ARG B 234 -17.66 16.33 -0.31
CA ARG B 234 -18.65 15.31 0.04
C ARG B 234 -18.69 14.28 -1.07
N ILE B 235 -18.38 13.03 -0.74
CA ILE B 235 -18.40 11.94 -1.71
C ILE B 235 -19.69 11.15 -1.60
N ASP B 236 -20.06 10.54 -2.71
CA ASP B 236 -21.20 9.64 -2.72
C ASP B 236 -20.71 8.40 -3.42
N ARG B 237 -20.51 7.33 -2.65
CA ARG B 237 -19.93 6.08 -3.17
C ARG B 237 -20.87 5.33 -4.13
N GLU B 238 -22.17 5.53 -3.94
CA GLU B 238 -23.15 4.87 -4.78
C GLU B 238 -23.33 5.62 -6.10
N ALA B 239 -23.30 6.95 -6.05
CA ALA B 239 -23.43 7.78 -7.25
C ALA B 239 -22.10 7.96 -7.99
N MET B 240 -20.98 7.63 -7.33
CA MET B 240 -19.64 7.88 -7.88
C MET B 240 -19.43 9.38 -8.13
N THR B 241 -19.86 10.20 -7.16
CA THR B 241 -19.71 11.65 -7.31
C THR B 241 -18.91 12.30 -6.18
N VAL B 242 -18.33 13.46 -6.50
CA VAL B 242 -17.72 14.36 -5.51
C VAL B 242 -18.39 15.71 -5.68
N GLU B 243 -18.74 16.34 -4.55
CA GLU B 243 -19.16 17.74 -4.54
C GLU B 243 -18.16 18.48 -3.66
N TRP B 244 -17.51 19.50 -4.23
CA TRP B 244 -16.41 20.17 -3.52
C TRP B 244 -16.26 21.60 -4.03
N ARG B 245 -16.47 22.56 -3.12
CA ARG B 245 -16.26 23.98 -3.42
C ARG B 245 -16.98 24.43 -4.69
N GLY B 246 -18.21 23.96 -4.87
CA GLY B 246 -19.01 24.31 -6.05
C GLY B 246 -18.69 23.55 -7.33
N HIS B 247 -17.73 22.61 -7.26
CA HIS B 247 -17.46 21.68 -8.35
C HIS B 247 -18.24 20.37 -8.09
N ARG B 248 -19.03 19.93 -9.07
CA ARG B 248 -19.62 18.59 -9.03
C ARG B 248 -18.82 17.74 -10.01
N THR B 249 -18.32 16.60 -9.56
CA THR B 249 -17.47 15.77 -10.41
C THR B 249 -18.01 14.34 -10.44
N ARG B 250 -18.08 13.74 -11.63
CA ARG B 250 -18.49 12.34 -11.74
C ARG B 250 -17.27 11.46 -12.04
N LEU B 251 -17.17 10.35 -11.31
CA LEU B 251 -16.17 9.32 -11.61
C LEU B 251 -16.79 8.21 -12.47
N ARG B 252 -16.09 7.83 -13.54
CA ARG B 252 -16.54 6.78 -14.45
C ARG B 252 -15.45 5.77 -14.73
N THR B 253 -15.87 4.52 -14.87
CA THR B 253 -15.01 3.46 -15.38
C THR B 253 -15.28 3.31 -16.87
N MET B 254 -14.23 3.39 -17.68
CA MET B 254 -14.33 3.20 -19.11
C MET B 254 -13.23 2.22 -19.54
N PRO B 255 -13.54 0.90 -19.54
CA PRO B 255 -12.52 -0.07 -19.94
C PRO B 255 -12.13 0.01 -21.39
N LEU B 256 -10.85 -0.29 -21.66
CA LEU B 256 -10.30 -0.33 -23.00
C LEU B 256 -9.59 -1.68 -23.14
N GLY B 257 -9.73 -2.28 -24.33
CA GLY B 257 -9.08 -3.54 -24.61
C GLY B 257 -8.00 -3.49 -25.67
N TYR B 258 -8.36 -3.03 -26.87
CA TYR B 258 -7.46 -3.16 -28.04
C TYR B 258 -7.99 -2.37 -29.22
N SER B 259 -7.13 -2.17 -30.22
CA SER B 259 -7.55 -1.60 -31.50
C SER B 259 -7.58 -2.71 -32.56
N PRO B 260 -8.77 -3.00 -33.14
CA PRO B 260 -8.83 -4.07 -34.16
C PRO B 260 -7.90 -3.82 -35.35
N LEU B 261 -7.81 -2.56 -35.78
CA LEU B 261 -7.01 -2.23 -36.97
C LEU B 261 -5.49 -2.40 -36.77
N THR B 262 -5.05 -2.53 -35.53
CA THR B 262 -3.63 -2.77 -35.22
C THR B 262 -3.30 -4.26 -35.05
N LEU B 263 -4.31 -5.12 -35.13
CA LEU B 263 -4.09 -6.55 -35.08
C LEU B 263 -4.28 -7.17 -36.46
N PRO B 268 2.91 -12.13 -38.98
CA PRO B 268 4.28 -11.65 -38.79
C PRO B 268 5.22 -12.77 -38.40
N GLN B 269 6.52 -12.55 -38.58
CA GLN B 269 7.51 -13.54 -38.21
C GLN B 269 8.05 -13.37 -36.80
N LEU B 270 8.44 -14.49 -36.20
CA LEU B 270 9.03 -14.52 -34.86
C LEU B 270 10.42 -13.86 -34.90
N PRO B 271 10.88 -13.34 -33.73
CA PRO B 271 12.25 -12.81 -33.65
C PRO B 271 13.29 -13.85 -34.05
N GLU B 272 14.47 -13.37 -34.45
CA GLU B 272 15.59 -14.21 -34.84
C GLU B 272 15.84 -15.33 -33.84
N GLY B 273 15.87 -16.57 -34.35
CA GLY B 273 16.23 -17.74 -33.55
C GLY B 273 15.10 -18.38 -32.75
N ILE B 274 14.01 -17.65 -32.56
CA ILE B 274 12.94 -18.11 -31.66
C ILE B 274 12.15 -19.31 -32.15
N GLU B 275 11.76 -19.29 -33.43
CA GLU B 275 11.00 -20.39 -34.01
C GLU B 275 11.73 -21.74 -33.87
N GLU B 276 13.03 -21.75 -34.19
CA GLU B 276 13.84 -22.97 -34.12
C GLU B 276 14.06 -23.45 -32.69
N TRP B 277 14.31 -22.48 -31.80
CA TRP B 277 14.48 -22.75 -30.37
C TRP B 277 13.21 -23.34 -29.74
N ALA B 278 12.05 -22.80 -30.13
CA ALA B 278 10.76 -23.23 -29.57
C ALA B 278 10.19 -24.50 -30.23
N ASP B 279 10.72 -24.86 -31.38
CA ASP B 279 10.21 -26.01 -32.13
C ASP B 279 10.13 -27.28 -31.29
N GLY B 280 8.96 -27.92 -31.32
CA GLY B 280 8.72 -29.17 -30.60
C GLY B 280 8.56 -28.99 -29.10
N HIS B 281 8.53 -27.74 -28.66
CA HIS B 281 8.30 -27.42 -27.25
C HIS B 281 6.99 -26.67 -27.06
N ARG B 282 6.37 -26.84 -25.90
CA ARG B 282 5.31 -25.93 -25.47
C ARG B 282 6.00 -24.63 -25.05
N LEU B 283 5.46 -23.50 -25.49
CA LEU B 283 6.05 -22.20 -25.19
C LEU B 283 5.21 -21.33 -24.28
N VAL B 284 5.79 -20.96 -23.14
CA VAL B 284 5.18 -20.02 -22.20
C VAL B 284 5.75 -18.66 -22.58
N VAL B 285 4.88 -17.66 -22.72
CA VAL B 285 5.30 -16.33 -23.11
C VAL B 285 4.86 -15.30 -22.07
N HIS B 286 5.83 -14.53 -21.55
CA HIS B 286 5.55 -13.35 -20.72
C HIS B 286 5.99 -12.17 -21.57
N SER B 287 5.15 -11.15 -21.66
CA SER B 287 5.47 -10.00 -22.49
C SER B 287 5.12 -8.71 -21.77
N GLY B 288 6.03 -7.74 -21.81
CA GLY B 288 5.73 -6.40 -21.31
C GLY B 288 6.93 -5.47 -21.32
N ARG B 289 6.67 -4.18 -21.09
CA ARG B 289 7.74 -3.18 -20.97
C ARG B 289 8.72 -3.48 -19.85
N THR B 290 9.89 -2.88 -19.92
CA THR B 290 10.89 -2.97 -18.85
C THR B 290 10.49 -2.06 -17.70
N ASP B 291 9.53 -2.54 -16.91
CA ASP B 291 8.95 -1.77 -15.82
C ASP B 291 8.61 -2.80 -14.74
N PRO B 292 9.02 -2.56 -13.48
CA PRO B 292 8.83 -3.56 -12.44
C PRO B 292 7.38 -4.03 -12.28
N ILE B 293 6.40 -3.20 -12.63
CA ILE B 293 5.01 -3.68 -12.47
C ILE B 293 4.69 -4.88 -13.37
N LYS B 294 5.45 -5.08 -14.44
CA LYS B 294 5.17 -6.18 -15.37
C LYS B 294 5.48 -7.59 -14.80
N ASN B 295 6.33 -7.63 -13.77
CA ASN B 295 6.43 -8.77 -12.85
C ASN B 295 7.05 -10.03 -13.48
N ALA B 296 7.95 -9.83 -14.44
CA ALA B 296 8.57 -11.00 -15.11
C ALA B 296 9.45 -11.84 -14.22
N GLU B 297 10.07 -11.22 -13.21
CA GLU B 297 10.93 -11.99 -12.29
C GLU B 297 10.10 -13.07 -11.59
N ARG B 298 8.96 -12.66 -11.04
CA ARG B 298 8.08 -13.61 -10.37
C ARG B 298 7.49 -14.64 -11.35
N ALA B 299 7.19 -14.22 -12.59
CA ALA B 299 6.73 -15.16 -13.62
C ALA B 299 7.77 -16.25 -13.87
N VAL B 300 9.04 -15.85 -13.95
CA VAL B 300 10.12 -16.83 -14.19
C VAL B 300 10.29 -17.79 -12.99
N ARG B 301 10.28 -17.23 -11.79
CA ARG B 301 10.39 -18.06 -10.57
C ARG B 301 9.20 -19.01 -10.44
N ALA B 302 8.01 -18.55 -10.84
CA ALA B 302 6.83 -19.41 -10.80
C ALA B 302 6.98 -20.54 -11.81
N PHE B 303 7.54 -20.23 -12.98
CA PHE B 303 7.80 -21.26 -13.99
C PHE B 303 8.75 -22.33 -13.44
N VAL B 304 9.80 -21.89 -12.76
CA VAL B 304 10.75 -22.83 -12.18
C VAL B 304 10.06 -23.74 -11.15
N LEU B 305 9.21 -23.16 -10.29
CA LEU B 305 8.48 -23.96 -9.32
C LEU B 305 7.51 -24.92 -9.99
N ALA B 306 6.88 -24.47 -11.08
CA ALA B 306 6.00 -25.36 -11.83
C ALA B 306 6.78 -26.57 -12.38
N ALA B 307 7.96 -26.32 -12.94
CA ALA B 307 8.81 -27.38 -13.46
C ALA B 307 9.22 -28.36 -12.36
N ARG B 308 9.45 -27.83 -11.15
CA ARG B 308 9.82 -28.66 -10.00
C ARG B 308 8.74 -29.69 -9.66
N GLY B 309 7.49 -29.32 -9.87
CA GLY B 309 6.37 -30.23 -9.62
C GLY B 309 6.18 -31.32 -10.66
N GLY B 310 6.95 -31.25 -11.75
CA GLY B 310 6.91 -32.27 -12.81
C GLY B 310 5.92 -31.98 -13.93
N GLY B 311 6.17 -32.55 -15.11
CA GLY B 311 5.25 -32.43 -16.24
C GLY B 311 5.56 -31.39 -17.31
N LEU B 312 6.63 -30.62 -17.11
CA LEU B 312 6.99 -29.55 -18.05
C LEU B 312 8.26 -29.86 -18.85
N GLU B 313 8.47 -31.15 -19.13
CA GLU B 313 9.72 -31.62 -19.72
C GLU B 313 10.06 -30.96 -21.07
N LYS B 314 9.05 -30.81 -21.92
CA LYS B 314 9.28 -30.25 -23.25
C LYS B 314 8.66 -28.86 -23.33
N THR B 315 8.92 -28.06 -22.30
CA THR B 315 8.35 -26.72 -22.20
C THR B 315 9.48 -25.70 -22.05
N ARG B 316 9.37 -24.61 -22.79
CA ARG B 316 10.31 -23.49 -22.65
C ARG B 316 9.57 -22.20 -22.34
N MET B 317 10.31 -21.20 -21.87
CA MET B 317 9.70 -19.92 -21.52
C MET B 317 10.44 -18.79 -22.21
N LEU B 318 9.67 -17.95 -22.88
CA LEU B 318 10.17 -16.74 -23.51
C LEU B 318 9.73 -15.52 -22.72
N VAL B 319 10.71 -14.70 -22.32
CA VAL B 319 10.44 -13.45 -21.64
C VAL B 319 10.68 -12.34 -22.64
N ARG B 320 9.59 -11.78 -23.11
CA ARG B 320 9.69 -10.73 -24.07
C ARG B 320 9.64 -9.39 -23.33
N MET B 321 10.68 -8.59 -23.46
CA MET B 321 10.74 -7.31 -22.76
C MET B 321 10.91 -6.19 -23.76
N ASN B 322 10.15 -5.12 -23.56
CA ASN B 322 10.14 -3.98 -24.47
C ASN B 322 10.87 -2.83 -23.81
N PRO B 323 12.10 -2.52 -24.26
CA PRO B 323 12.93 -1.52 -23.58
C PRO B 323 12.25 -0.16 -23.54
N ASN B 324 12.18 0.42 -22.34
CA ASN B 324 11.50 1.68 -22.13
C ASN B 324 11.97 2.32 -20.83
N ARG B 325 12.41 3.58 -20.91
CA ARG B 325 12.85 4.34 -19.74
C ARG B 325 13.81 3.52 -18.86
N LEU B 326 14.77 2.88 -19.50
CA LEU B 326 15.77 2.10 -18.76
C LEU B 326 16.68 2.95 -17.85
N TYR B 327 16.69 4.26 -18.06
CA TYR B 327 17.45 5.17 -17.20
C TYR B 327 16.84 5.34 -15.81
N VAL B 328 15.58 4.92 -15.64
CA VAL B 328 14.94 4.96 -14.33
C VAL B 328 15.53 3.82 -13.50
N PRO B 329 16.08 4.13 -12.32
CA PRO B 329 16.73 3.09 -11.52
C PRO B 329 15.88 1.84 -11.27
N ALA B 330 14.60 2.01 -10.96
CA ALA B 330 13.74 0.85 -10.74
C ALA B 330 13.58 -0.03 -11.98
N ASN B 331 13.60 0.58 -13.16
CA ASN B 331 13.45 -0.18 -14.38
C ASN B 331 14.74 -0.96 -14.68
N ALA B 332 15.88 -0.32 -14.49
CA ALA B 332 17.16 -1.01 -14.67
C ALA B 332 17.31 -2.16 -13.67
N ASP B 333 16.89 -1.91 -12.43
CA ASP B 333 16.92 -2.94 -11.38
C ASP B 333 16.04 -4.12 -11.76
N TYR B 334 14.85 -3.83 -12.26
CA TYR B 334 13.94 -4.89 -12.74
C TYR B 334 14.57 -5.77 -13.82
N VAL B 335 15.17 -5.15 -14.83
CA VAL B 335 15.82 -5.94 -15.88
C VAL B 335 16.90 -6.82 -15.25
N HIS B 336 17.69 -6.26 -14.35
CA HIS B 336 18.72 -7.04 -13.65
C HIS B 336 18.13 -8.23 -12.90
N ARG B 337 17.00 -8.00 -12.22
CA ARG B 337 16.38 -9.06 -11.44
C ARG B 337 15.83 -10.13 -12.35
N VAL B 338 15.29 -9.72 -13.51
CA VAL B 338 14.76 -10.69 -14.49
C VAL B 338 15.90 -11.52 -15.09
N GLU B 339 16.98 -10.87 -15.50
CA GLU B 339 18.16 -11.60 -16.02
C GLU B 339 18.69 -12.62 -15.00
N THR B 340 18.73 -12.22 -13.73
CA THR B 340 19.17 -13.09 -12.65
C THR B 340 18.28 -14.33 -12.50
N ALA B 341 16.96 -14.12 -12.48
CA ALA B 341 16.02 -15.23 -12.36
C ALA B 341 16.11 -16.17 -13.56
N VAL B 342 16.31 -15.60 -14.75
CA VAL B 342 16.45 -16.42 -15.95
C VAL B 342 17.70 -17.29 -15.88
N ALA B 343 18.82 -16.70 -15.46
CA ALA B 343 20.06 -17.46 -15.27
C ALA B 343 19.89 -18.58 -14.23
N GLU B 344 19.18 -18.28 -13.12
CA GLU B 344 18.92 -19.30 -12.11
C GLU B 344 18.04 -20.42 -12.66
N ALA B 345 17.03 -20.05 -13.45
CA ALA B 345 16.15 -21.02 -14.10
C ALA B 345 16.92 -21.97 -15.02
N ASN B 346 17.80 -21.39 -15.85
CA ASN B 346 18.62 -22.18 -16.74
C ASN B 346 19.61 -23.09 -16.02
N ALA B 347 20.09 -22.64 -14.87
CA ALA B 347 21.03 -23.43 -14.06
C ALA B 347 20.30 -24.61 -13.45
N GLU B 348 19.03 -24.41 -13.14
CA GLU B 348 18.24 -25.44 -12.49
C GLU B 348 17.54 -26.39 -13.45
N LEU B 349 17.03 -25.89 -14.56
CA LEU B 349 16.21 -26.71 -15.48
C LEU B 349 16.96 -27.19 -16.71
N GLY B 350 18.12 -26.60 -16.96
CA GLY B 350 18.92 -26.92 -18.14
C GLY B 350 19.10 -25.70 -19.03
N SER B 351 20.27 -25.60 -19.66
CA SER B 351 20.58 -24.44 -20.47
C SER B 351 19.51 -24.23 -21.54
N ASP B 352 19.21 -22.97 -21.81
CA ASP B 352 18.29 -22.58 -22.88
C ASP B 352 16.82 -22.96 -22.65
N THR B 353 16.46 -23.25 -21.41
CA THR B 353 15.04 -23.48 -21.07
C THR B 353 14.28 -22.16 -21.13
N VAL B 354 14.94 -21.08 -20.69
CA VAL B 354 14.30 -19.76 -20.63
C VAL B 354 15.15 -18.74 -21.38
N ARG B 355 14.50 -17.93 -22.21
CA ARG B 355 15.18 -16.91 -23.00
C ARG B 355 14.52 -15.56 -22.82
N ILE B 356 15.35 -14.52 -22.79
CA ILE B 356 14.89 -13.15 -22.86
C ILE B 356 15.04 -12.66 -24.30
N ASP B 357 14.02 -11.99 -24.80
CA ASP B 357 14.10 -11.39 -26.13
C ASP B 357 13.57 -9.98 -26.04
N ASN B 358 14.44 -9.01 -26.33
CA ASN B 358 14.15 -7.62 -26.08
C ASN B 358 14.17 -6.74 -27.32
N ASP B 359 13.02 -6.15 -27.62
CA ASP B 359 12.89 -5.08 -28.61
C ASP B 359 11.53 -4.44 -28.51
N ASN B 360 11.29 -3.43 -29.35
CA ASN B 360 10.01 -2.74 -29.41
C ASN B 360 9.27 -2.95 -30.73
N ASP B 361 9.56 -4.08 -31.38
CA ASP B 361 8.96 -4.41 -32.68
C ASP B 361 7.59 -5.06 -32.48
N VAL B 362 6.54 -4.37 -32.90
CA VAL B 362 5.16 -4.85 -32.76
C VAL B 362 4.93 -6.17 -33.48
N ASN B 363 5.52 -6.31 -34.66
CA ASN B 363 5.40 -7.56 -35.41
C ASN B 363 5.94 -8.76 -34.64
N HIS B 364 7.09 -8.57 -33.99
CA HIS B 364 7.65 -9.60 -33.13
C HIS B 364 6.74 -9.92 -31.93
N THR B 365 6.16 -8.88 -31.33
CA THR B 365 5.21 -9.05 -30.21
C THR B 365 4.01 -9.89 -30.63
N ILE B 366 3.39 -9.53 -31.74
CA ILE B 366 2.24 -10.27 -32.26
C ILE B 366 2.60 -11.72 -32.59
N ALA B 367 3.76 -11.92 -33.23
CA ALA B 367 4.22 -13.26 -33.52
C ALA B 367 4.38 -14.09 -32.26
N CYS B 368 4.92 -13.47 -31.20
CA CYS B 368 5.10 -14.18 -29.94
C CYS B 368 3.75 -14.50 -29.30
N PHE B 369 2.79 -13.57 -29.40
CA PHE B 369 1.41 -13.83 -28.94
C PHE B 369 0.79 -15.00 -29.70
N ARG B 370 1.03 -15.07 -31.01
CA ARG B 370 0.51 -16.17 -31.85
C ARG B 370 1.11 -17.54 -31.53
N ARG B 371 2.40 -17.57 -31.20
CA ARG B 371 3.14 -18.82 -30.96
C ARG B 371 2.89 -19.40 -29.57
N ALA B 372 2.53 -18.55 -28.62
CA ALA B 372 2.40 -18.99 -27.24
C ALA B 372 1.44 -20.15 -27.04
N ASP B 373 1.86 -21.09 -26.20
CA ASP B 373 0.96 -22.14 -25.72
C ASP B 373 0.35 -21.74 -24.37
N LEU B 374 0.99 -20.80 -23.70
CA LEU B 374 0.49 -20.22 -22.45
C LEU B 374 0.96 -18.77 -22.42
N LEU B 375 0.05 -17.85 -22.08
CA LEU B 375 0.37 -16.43 -21.98
C LEU B 375 0.32 -15.99 -20.52
N ILE B 376 1.32 -15.24 -20.08
CA ILE B 376 1.34 -14.75 -18.70
C ILE B 376 1.35 -13.23 -18.69
N PHE B 377 0.32 -12.64 -18.10
CA PHE B 377 0.23 -11.19 -17.88
C PHE B 377 -0.05 -10.99 -16.40
N ASN B 378 0.99 -11.19 -15.59
CA ASN B 378 0.87 -11.28 -14.12
C ASN B 378 1.31 -10.01 -13.38
N SER B 379 0.94 -8.85 -13.91
CA SER B 379 1.42 -7.57 -13.36
C SER B 379 1.19 -7.42 -11.86
N THR B 380 2.15 -6.82 -11.18
CA THR B 380 1.93 -6.48 -9.77
C THR B 380 0.70 -5.57 -9.60
N VAL B 381 0.59 -4.62 -10.52
CA VAL B 381 -0.62 -3.80 -10.74
C VAL B 381 -0.57 -3.30 -12.19
N ASP B 382 -1.70 -2.90 -12.75
CA ASP B 382 -1.70 -2.35 -14.10
C ASP B 382 -2.93 -1.51 -14.27
N GLY B 383 -2.76 -0.28 -14.73
CA GLY B 383 -3.91 0.60 -15.03
C GLY B 383 -4.97 -0.19 -15.79
N GLN B 384 -4.55 -0.90 -16.84
CA GLN B 384 -5.45 -1.83 -17.52
C GLN B 384 -4.75 -3.11 -17.94
N ASN B 385 -3.74 -2.94 -18.80
CA ASN B 385 -3.04 -4.01 -19.53
C ASN B 385 -3.83 -4.38 -20.78
N LEU B 386 -3.37 -3.88 -21.91
CA LEU B 386 -4.04 -4.17 -23.18
C LEU B 386 -3.57 -5.47 -23.82
N SER B 387 -2.37 -5.92 -23.47
CA SER B 387 -1.81 -7.15 -24.02
C SER B 387 -2.73 -8.33 -23.73
N THR B 388 -3.39 -8.31 -22.57
CA THR B 388 -4.26 -9.43 -22.22
C THR B 388 -5.55 -9.52 -23.03
N PHE B 389 -5.86 -8.48 -23.79
CA PHE B 389 -6.94 -8.55 -24.79
C PHE B 389 -6.40 -8.94 -26.16
N GLU B 390 -5.32 -8.27 -26.59
CA GLU B 390 -4.72 -8.49 -27.91
C GLU B 390 -4.26 -9.94 -28.10
N ALA B 391 -3.55 -10.45 -27.09
CA ALA B 391 -2.90 -11.76 -27.22
C ALA B 391 -3.89 -12.90 -27.49
N PRO B 392 -4.94 -13.04 -26.65
CA PRO B 392 -5.91 -14.11 -26.95
C PRO B 392 -6.64 -13.90 -28.28
N LEU B 393 -6.81 -12.64 -28.68
CA LEU B 393 -7.50 -12.36 -29.92
C LEU B 393 -6.70 -12.78 -31.15
N VAL B 394 -5.37 -12.80 -31.04
CA VAL B 394 -4.51 -13.23 -32.15
C VAL B 394 -3.97 -14.66 -32.00
N ASN B 395 -4.01 -15.19 -30.78
CA ASN B 395 -3.43 -16.51 -30.54
C ASN B 395 -4.16 -17.61 -31.29
N GLU B 396 -3.38 -18.50 -31.88
CA GLU B 396 -3.86 -19.53 -32.79
C GLU B 396 -3.84 -20.92 -32.18
N ARG B 397 -3.33 -21.01 -30.96
CA ARG B 397 -3.03 -22.29 -30.34
C ARG B 397 -3.94 -22.58 -29.15
N ASP B 398 -4.99 -21.78 -28.99
CA ASP B 398 -5.88 -21.89 -27.81
C ASP B 398 -5.08 -21.84 -26.51
N ALA B 399 -4.09 -20.95 -26.48
CA ALA B 399 -3.33 -20.73 -25.27
C ALA B 399 -4.23 -20.26 -24.12
N ASP B 400 -4.00 -20.80 -22.92
CA ASP B 400 -4.60 -20.23 -21.73
C ASP B 400 -3.88 -18.93 -21.41
N VAL B 401 -4.51 -18.14 -20.54
CA VAL B 401 -3.97 -16.86 -20.12
C VAL B 401 -4.00 -16.82 -18.59
N ILE B 402 -2.82 -16.58 -18.02
CA ILE B 402 -2.71 -16.29 -16.59
C ILE B 402 -2.68 -14.77 -16.46
N LEU B 403 -3.64 -14.23 -15.72
CA LEU B 403 -3.83 -12.78 -15.63
C LEU B 403 -3.84 -12.40 -14.17
N SER B 404 -3.03 -11.42 -13.80
CA SER B 404 -3.08 -10.90 -12.45
C SER B 404 -4.40 -10.24 -12.15
N GLU B 405 -4.92 -10.55 -10.97
CA GLU B 405 -6.15 -9.96 -10.46
C GLU B 405 -6.04 -8.45 -10.23
N THR B 406 -4.82 -7.94 -10.23
CA THR B 406 -4.55 -6.51 -9.97
C THR B 406 -4.45 -5.67 -11.24
N CYS B 407 -4.65 -6.30 -12.40
CA CYS B 407 -4.72 -5.54 -13.67
C CYS B 407 -6.13 -5.00 -13.81
N GLY B 408 -6.27 -3.76 -14.28
CA GLY B 408 -7.60 -3.23 -14.59
C GLY B 408 -8.38 -4.20 -15.45
N ALA B 409 -7.68 -4.86 -16.38
CA ALA B 409 -8.32 -5.79 -17.33
C ALA B 409 -9.03 -6.94 -16.65
N ALA B 410 -8.62 -7.28 -15.42
CA ALA B 410 -9.22 -8.42 -14.73
C ALA B 410 -10.70 -8.21 -14.39
N GLU B 411 -11.12 -6.94 -14.31
CA GLU B 411 -12.53 -6.63 -14.06
C GLU B 411 -13.44 -7.08 -15.21
N VAL B 412 -12.86 -7.18 -16.41
CA VAL B 412 -13.59 -7.59 -17.60
C VAL B 412 -13.24 -9.04 -17.98
N LEU B 413 -11.97 -9.41 -17.83
CA LEU B 413 -11.49 -10.69 -18.34
C LEU B 413 -11.13 -11.74 -17.27
N GLY B 414 -11.14 -11.34 -16.01
CA GLY B 414 -10.64 -12.23 -14.94
C GLY B 414 -11.33 -13.58 -14.89
N GLU B 415 -12.64 -13.60 -15.11
CA GLU B 415 -13.41 -14.84 -15.01
C GLU B 415 -13.19 -15.75 -16.21
N TYR B 416 -12.51 -15.21 -17.22
CA TYR B 416 -12.22 -15.96 -18.43
C TYR B 416 -10.77 -16.37 -18.56
N CYS B 417 -9.97 -16.06 -17.54
CA CYS B 417 -8.56 -16.40 -17.52
C CYS B 417 -8.28 -17.14 -16.23
N ARG B 418 -7.03 -17.58 -16.05
CA ARG B 418 -6.61 -18.07 -14.75
C ARG B 418 -6.17 -16.84 -13.94
N SER B 419 -7.08 -16.33 -13.11
CA SER B 419 -6.82 -15.13 -12.33
C SER B 419 -5.96 -15.47 -11.12
N VAL B 420 -4.86 -14.73 -10.94
CA VAL B 420 -3.91 -15.04 -9.89
C VAL B 420 -3.54 -13.85 -9.02
N ASN B 421 -3.12 -14.15 -7.80
CA ASN B 421 -2.42 -13.20 -6.96
C ASN B 421 -0.97 -13.10 -7.50
N PRO B 422 -0.55 -11.90 -7.98
CA PRO B 422 0.76 -11.78 -8.64
C PRO B 422 1.95 -11.90 -7.67
N PHE B 423 1.67 -11.93 -6.36
CA PHE B 423 2.74 -12.07 -5.37
C PHE B 423 2.96 -13.51 -4.89
N ASP B 424 2.07 -14.41 -5.31
CA ASP B 424 2.09 -15.78 -4.78
C ASP B 424 2.72 -16.69 -5.82
N LEU B 425 3.98 -17.05 -5.61
CA LEU B 425 4.66 -17.89 -6.57
C LEU B 425 4.06 -19.28 -6.68
N VAL B 426 3.52 -19.81 -5.57
CA VAL B 426 2.93 -21.16 -5.61
C VAL B 426 1.64 -21.18 -6.39
N GLU B 427 0.78 -20.19 -6.16
CA GLU B 427 -0.45 -20.11 -6.93
C GLU B 427 -0.14 -20.01 -8.41
N GLN B 428 0.83 -19.17 -8.75
CA GLN B 428 1.21 -18.96 -10.14
C GLN B 428 1.81 -20.21 -10.75
N ALA B 429 2.64 -20.93 -9.98
CA ALA B 429 3.23 -22.19 -10.46
C ALA B 429 2.14 -23.24 -10.73
N GLU B 430 1.19 -23.34 -9.81
CA GLU B 430 0.08 -24.28 -9.97
C GLU B 430 -0.80 -23.93 -11.16
N ALA B 431 -0.95 -22.64 -11.45
CA ALA B 431 -1.72 -22.19 -12.60
C ALA B 431 -0.99 -22.52 -13.89
N ILE B 432 0.33 -22.32 -13.89
CA ILE B 432 1.16 -22.68 -15.04
C ILE B 432 1.04 -24.17 -15.32
N SER B 433 1.20 -24.99 -14.28
CA SER B 433 1.08 -26.45 -14.44
C SER B 433 -0.26 -26.88 -14.99
N ALA B 434 -1.34 -26.34 -14.40
CA ALA B 434 -2.71 -26.69 -14.79
C ALA B 434 -3.02 -26.24 -16.22
N ALA B 435 -2.59 -25.03 -16.57
CA ALA B 435 -2.84 -24.52 -17.91
C ALA B 435 -2.19 -25.42 -18.98
N LEU B 436 -0.98 -25.88 -18.71
CA LEU B 436 -0.23 -26.71 -19.66
C LEU B 436 -0.70 -28.17 -19.65
N ALA B 437 -1.30 -28.61 -18.54
CA ALA B 437 -1.82 -29.98 -18.45
C ALA B 437 -3.19 -30.13 -19.13
N ALA B 438 -3.94 -29.03 -19.21
CA ALA B 438 -5.30 -29.03 -19.77
C ALA B 438 -5.31 -29.56 -21.20
N GLY B 439 -6.26 -30.45 -21.49
CA GLY B 439 -6.41 -30.98 -22.83
C GLY B 439 -6.92 -29.96 -23.84
N PRO B 440 -6.78 -30.27 -25.13
CA PRO B 440 -7.09 -29.33 -26.20
C PRO B 440 -8.57 -28.92 -26.29
N ARG B 441 -9.49 -29.83 -25.96
CA ARG B 441 -10.91 -29.46 -26.03
C ARG B 441 -11.28 -28.44 -24.95
N GLN B 442 -10.77 -28.64 -23.74
CA GLN B 442 -11.00 -27.67 -22.63
C GLN B 442 -10.42 -26.33 -22.99
N ARG B 443 -9.20 -26.33 -23.52
CA ARG B 443 -8.55 -25.06 -23.85
C ARG B 443 -9.22 -24.37 -25.02
N ALA B 444 -9.73 -25.16 -25.97
CA ALA B 444 -10.43 -24.57 -27.13
C ALA B 444 -11.68 -23.83 -26.69
N GLU B 445 -12.48 -24.45 -25.84
CA GLU B 445 -13.73 -23.83 -25.39
C GLU B 445 -13.43 -22.62 -24.51
N ALA B 446 -12.44 -22.74 -23.62
CA ALA B 446 -12.05 -21.61 -22.77
C ALA B 446 -11.57 -20.42 -23.60
N ALA B 447 -10.78 -20.70 -24.64
CA ALA B 447 -10.24 -19.63 -25.48
C ALA B 447 -11.35 -18.93 -26.28
N ALA B 448 -12.33 -19.70 -26.72
CA ALA B 448 -13.43 -19.12 -27.48
C ALA B 448 -14.24 -18.17 -26.61
N ARG B 449 -14.50 -18.58 -25.37
CA ARG B 449 -15.21 -17.72 -24.41
C ARG B 449 -14.39 -16.48 -24.09
N ARG B 450 -13.08 -16.67 -23.95
CA ARG B 450 -12.15 -15.57 -23.63
C ARG B 450 -12.09 -14.55 -24.78
N ARG B 451 -11.99 -15.02 -26.02
CA ARG B 451 -12.06 -14.12 -27.20
C ARG B 451 -13.39 -13.35 -27.25
N ASP B 452 -14.49 -14.05 -26.97
CA ASP B 452 -15.81 -13.43 -26.96
C ASP B 452 -15.89 -12.33 -25.89
N ALA B 453 -15.24 -12.55 -24.74
CA ALA B 453 -15.26 -11.58 -23.66
C ALA B 453 -14.38 -10.37 -23.99
N ALA B 454 -13.27 -10.61 -24.70
CA ALA B 454 -12.32 -9.55 -25.07
C ALA B 454 -12.79 -8.68 -26.25
N ARG B 455 -13.45 -9.31 -27.22
CA ARG B 455 -13.73 -8.68 -28.49
C ARG B 455 -14.44 -7.31 -28.45
N PRO B 456 -15.45 -7.12 -27.57
CA PRO B 456 -16.21 -5.86 -27.63
C PRO B 456 -15.45 -4.62 -27.17
N TRP B 457 -14.33 -4.80 -26.50
CA TRP B 457 -13.65 -3.72 -25.80
C TRP B 457 -12.66 -2.99 -26.69
N THR B 458 -13.21 -2.39 -27.73
CA THR B 458 -12.38 -1.75 -28.75
C THR B 458 -12.05 -0.30 -28.40
N LEU B 459 -11.01 0.21 -29.06
CA LEU B 459 -10.63 1.60 -28.91
C LEU B 459 -11.78 2.53 -29.32
N GLU B 460 -12.42 2.25 -30.44
CA GLU B 460 -13.56 3.10 -30.85
C GLU B 460 -14.70 3.09 -29.82
N ALA B 461 -14.98 1.93 -29.24
CA ALA B 461 -16.05 1.83 -28.24
C ALA B 461 -15.70 2.65 -27.01
N TRP B 462 -14.41 2.63 -26.66
CA TRP B 462 -13.90 3.37 -25.51
C TRP B 462 -13.98 4.87 -25.75
N VAL B 463 -13.67 5.30 -26.98
CA VAL B 463 -13.79 6.71 -27.34
C VAL B 463 -15.26 7.13 -27.25
N GLN B 464 -16.15 6.28 -27.74
CA GLN B 464 -17.59 6.58 -27.62
C GLN B 464 -18.03 6.69 -26.16
N ALA B 465 -17.49 5.82 -25.29
CA ALA B 465 -17.75 5.85 -23.85
C ALA B 465 -17.33 7.17 -23.22
N GLN B 466 -16.17 7.68 -23.64
CA GLN B 466 -15.71 8.99 -23.18
C GLN B 466 -16.72 10.07 -23.50
N LEU B 467 -17.18 10.09 -24.75
CA LEU B 467 -18.10 11.14 -25.18
C LEU B 467 -19.48 11.01 -24.55
N ASP B 468 -20.00 9.80 -24.50
CA ASP B 468 -21.30 9.55 -23.90
C ASP B 468 -21.30 9.93 -22.44
N GLY B 469 -20.26 9.50 -21.72
CA GLY B 469 -20.15 9.78 -20.29
C GLY B 469 -20.04 11.26 -20.04
N LEU B 470 -19.10 11.91 -20.73
CA LEU B 470 -18.88 13.35 -20.57
C LEU B 470 -20.13 14.16 -20.89
N ALA B 471 -20.84 13.80 -21.96
CA ALA B 471 -22.09 14.48 -22.32
C ALA B 471 -23.15 14.36 -21.21
N ALA B 472 -23.32 13.16 -20.67
CA ALA B 472 -24.30 12.95 -19.59
C ALA B 472 -23.91 13.74 -18.34
N ASP B 473 -22.63 13.71 -18.01
CA ASP B 473 -22.13 14.40 -16.82
C ASP B 473 -22.21 15.91 -16.97
N HIS B 474 -21.99 16.39 -18.18
CA HIS B 474 -22.08 17.82 -18.46
C HIS B 474 -23.53 18.27 -18.23
N ALA B 475 -24.48 17.46 -18.70
CA ALA B 475 -25.91 17.77 -18.52
C ALA B 475 -26.28 17.80 -17.03
N ALA B 476 -25.79 16.80 -16.28
CA ALA B 476 -26.01 16.70 -14.83
C ALA B 476 -25.39 17.87 -14.06
N ARG B 477 -24.19 18.26 -14.46
CA ARG B 477 -23.52 19.40 -13.86
C ARG B 477 -24.36 20.68 -14.03
N THR B 478 -24.90 20.86 -15.23
CA THR B 478 -25.78 21.98 -15.53
C THR B 478 -27.07 21.94 -14.71
N ALA B 479 -27.68 20.76 -14.59
CA ALA B 479 -28.96 20.63 -13.89
C ALA B 479 -28.81 20.85 -12.39
N THR B 480 -27.58 20.74 -11.89
CA THR B 480 -27.29 20.92 -10.47
C THR B 480 -26.63 22.27 -10.22
MG MG C . 8.68 -16.39 27.83
MG MG D . -2.08 0.96 1.60
MG MG E . -2.80 -0.30 -1.07
MG MG F . 4.02 -13.03 17.97
MG MG G . 7.30 0.79 21.29
N1 IMD H . -20.56 -8.92 27.72
C2 IMD H . -20.23 -8.84 29.03
N3 IMD H . -20.97 -9.75 29.72
C4 IMD H . -21.76 -10.41 28.84
C5 IMD H . -21.50 -9.88 27.58
MG MG I . 9.93 14.28 -28.60
MG MG J . -10.07 -4.36 -9.84
MG MG K . 8.52 -9.47 -19.95
N1 IMD L . -20.17 17.38 -26.08
C2 IMD L . -20.05 16.97 -24.78
N3 IMD L . -19.55 15.71 -24.77
C4 IMD L . -19.35 15.31 -26.06
C5 IMD L . -19.74 16.38 -26.88
#